data_7FSX
#
_entry.id   7FSX
#
_cell.length_a   80.629
_cell.length_b   49.536
_cell.length_c   115.265
_cell.angle_alpha   90.000
_cell.angle_beta   95.430
_cell.angle_gamma   90.000
#
_symmetry.space_group_name_H-M   'P 1 21 1'
#
loop_
_entity.id
_entity.type
_entity.pdbx_description
1 polymer Syntenin-1
2 non-polymer 1,2-ETHANEDIOL
3 non-polymer N-(cyclopropylmethyl)-2,2,3,3-tetramethylazetidine-1-carboxamide
4 non-polymer 'D-GLUTAMIC ACID'
5 non-polymer 'SULFATE ION'
6 non-polymer GLYCINE
7 non-polymer ALANINE
8 water water
#
_entity_poly.entity_id   1
_entity_poly.type   'polypeptide(L)'
_entity_poly.pdbx_seq_one_letter_code
;SMAEIKQGIREVILCKDQDGKIGLRLKSIDNGIFVQLVQANSPASLVGLRFGDQVLQINGENCAGWSSDKAHKVLKQAFG
EKITMTIRDRPFERTITMHKDSTGHVGFIFKNGKITSIVKDSSAARNGLLTEHNICEINGQNVIGLKDSQIADILSTSGT
VVTITIMPAFIFEHIIKRMAPSIMKSLMDHTIPEV
;
_entity_poly.pdbx_strand_id   A,B,C,D
#
# COMPACT_ATOMS: atom_id res chain seq x y z
N ILE A 5 -27.48 -1.79 6.01
CA ILE A 5 -26.41 -1.12 5.22
C ILE A 5 -27.06 -0.29 4.10
N LYS A 6 -27.12 1.04 4.29
CA LYS A 6 -27.63 2.01 3.27
C LYS A 6 -26.90 1.78 1.94
N GLN A 7 -27.39 2.38 0.85
CA GLN A 7 -27.01 2.04 -0.55
C GLN A 7 -26.16 3.17 -1.17
N GLY A 8 -26.05 4.31 -0.51
CA GLY A 8 -25.35 5.45 -1.11
C GLY A 8 -24.41 6.15 -0.14
N ILE A 9 -23.70 7.14 -0.68
CA ILE A 9 -22.94 8.16 0.08
C ILE A 9 -23.89 8.90 1.02
N ARG A 10 -23.34 9.49 2.08
CA ARG A 10 -23.99 10.53 2.90
C ARG A 10 -22.89 11.54 3.27
N GLU A 11 -23.26 12.79 3.54
CA GLU A 11 -22.31 13.81 4.01
C GLU A 11 -22.54 13.88 5.51
N VAL A 12 -21.47 13.93 6.31
CA VAL A 12 -21.64 14.24 7.75
C VAL A 12 -20.70 15.39 8.10
N ILE A 13 -21.07 16.09 9.16
CA ILE A 13 -20.39 17.35 9.56
C ILE A 13 -20.07 17.21 11.02
N LEU A 14 -18.79 17.17 11.37
CA LEU A 14 -18.30 17.01 12.77
C LEU A 14 -17.76 18.35 13.25
N CYS A 15 -17.73 18.53 14.58
CA CYS A 15 -16.92 19.56 15.29
C CYS A 15 -16.05 18.86 16.31
N LYS A 16 -14.72 19.00 16.25
CA LYS A 16 -13.82 18.62 17.38
C LYS A 16 -14.47 19.04 18.71
N ASP A 17 -14.30 18.27 19.77
CA ASP A 17 -14.82 18.56 21.14
C ASP A 17 -13.83 19.53 21.80
N GLN A 18 -13.97 19.75 23.11
CA GLN A 18 -13.12 20.69 23.89
C GLN A 18 -11.64 20.33 23.69
N ASP A 19 -11.34 19.04 23.50
CA ASP A 19 -9.95 18.50 23.57
C ASP A 19 -9.35 18.40 22.18
N GLY A 20 -10.02 18.95 21.15
CA GLY A 20 -9.53 18.86 19.77
C GLY A 20 -9.62 17.42 19.26
N LYS A 21 -10.49 16.62 19.88
CA LYS A 21 -10.74 15.20 19.51
C LYS A 21 -11.97 15.07 18.61
N ILE A 22 -12.06 14.00 17.80
CA ILE A 22 -13.37 13.56 17.22
C ILE A 22 -13.73 12.11 17.60
N GLY A 23 -12.84 11.33 18.17
CA GLY A 23 -13.14 9.95 18.58
C GLY A 23 -13.06 8.95 17.43
N LEU A 24 -12.07 9.07 16.58
CA LEU A 24 -12.00 8.26 15.33
C LEU A 24 -10.57 7.72 15.11
N ARG A 25 -10.46 6.45 14.81
CA ARG A 25 -9.24 5.86 14.21
C ARG A 25 -9.62 5.32 12.82
N LEU A 26 -8.74 5.49 11.84
CA LEU A 26 -8.94 5.18 10.42
C LEU A 26 -7.88 4.15 9.99
N LYS A 27 -8.20 3.36 8.97
CA LYS A 27 -7.33 2.26 8.49
C LYS A 27 -7.37 2.27 6.96
N SER A 28 -6.20 2.29 6.33
CA SER A 28 -6.09 2.12 4.88
C SER A 28 -6.42 0.67 4.50
N ILE A 29 -7.38 0.47 3.63
CA ILE A 29 -7.71 -0.89 3.14
C ILE A 29 -7.93 -0.80 1.64
N ASP A 30 -7.25 -1.66 0.90
CA ASP A 30 -7.41 -1.73 -0.57
C ASP A 30 -7.54 -0.33 -1.17
N ASN A 31 -6.68 0.60 -0.74
CA ASN A 31 -6.49 1.95 -1.35
C ASN A 31 -7.66 2.87 -1.03
N GLY A 32 -8.49 2.50 -0.06
CA GLY A 32 -9.54 3.32 0.55
C GLY A 32 -9.22 3.56 2.02
N ILE A 33 -10.07 4.34 2.69
CA ILE A 33 -9.90 4.59 4.13
C ILE A 33 -11.17 4.13 4.81
N PHE A 34 -11.01 3.38 5.90
CA PHE A 34 -12.13 2.86 6.70
C PHE A 34 -12.03 3.21 8.17
N VAL A 35 -13.21 3.34 8.78
CA VAL A 35 -13.33 3.54 10.24
C VAL A 35 -12.98 2.23 10.98
N GLN A 36 -11.93 2.25 11.83
CA GLN A 36 -11.45 1.15 12.68
C GLN A 36 -12.08 1.24 14.09
N LEU A 37 -12.35 2.44 14.60
CA LEU A 37 -12.75 2.66 16.01
C LEU A 37 -13.57 3.91 16.05
N VAL A 38 -14.75 3.84 16.68
CA VAL A 38 -15.51 5.05 17.09
C VAL A 38 -15.52 5.07 18.61
N GLN A 39 -15.01 6.16 19.17
CA GLN A 39 -14.94 6.34 20.64
C GLN A 39 -16.30 6.76 21.16
N ALA A 40 -16.70 6.16 22.28
CA ALA A 40 -17.94 6.47 23.01
C ALA A 40 -17.92 7.96 23.32
N ASN A 41 -19.09 8.62 23.26
CA ASN A 41 -19.38 10.03 23.64
C ASN A 41 -18.54 11.02 22.84
N SER A 42 -18.17 10.68 21.60
CA SER A 42 -17.28 11.53 20.76
C SER A 42 -18.13 12.24 19.72
N PRO A 43 -17.61 13.29 19.08
CA PRO A 43 -18.28 13.85 17.91
C PRO A 43 -18.64 12.75 16.88
N ALA A 44 -17.72 11.83 16.63
CA ALA A 44 -17.85 10.80 15.56
C ALA A 44 -19.01 9.85 15.90
N SER A 45 -19.21 9.48 17.16
CA SER A 45 -20.42 8.68 17.54
C SER A 45 -21.69 9.56 17.47
N LEU A 46 -21.65 10.82 17.90
CA LEU A 46 -22.86 11.68 17.94
C LEU A 46 -23.38 11.88 16.53
N VAL A 47 -22.51 12.09 15.54
CA VAL A 47 -23.02 12.23 14.13
C VAL A 47 -23.29 10.85 13.51
N GLY A 48 -22.97 9.72 14.15
CA GLY A 48 -23.41 8.38 13.71
C GLY A 48 -22.42 7.66 12.79
N LEU A 49 -21.12 8.01 12.78
CA LEU A 49 -20.06 7.17 12.16
C LEU A 49 -20.04 5.77 12.83
N ARG A 50 -19.78 4.77 12.00
CA ARG A 50 -19.73 3.36 12.43
C ARG A 50 -18.43 2.70 12.00
N PHE A 51 -18.04 1.71 12.79
CA PHE A 51 -17.02 0.70 12.42
C PHE A 51 -17.27 0.20 10.98
N GLY A 52 -16.27 0.25 10.10
CA GLY A 52 -16.37 -0.29 8.76
C GLY A 52 -16.91 0.72 7.76
N ASP A 53 -17.33 1.91 8.17
CA ASP A 53 -17.76 2.95 7.21
C ASP A 53 -16.58 3.33 6.31
N GLN A 54 -16.77 3.68 5.06
CA GLN A 54 -15.64 4.11 4.22
C GLN A 54 -15.68 5.64 4.16
N VAL A 55 -14.53 6.26 4.33
CA VAL A 55 -14.42 7.74 4.19
C VAL A 55 -13.91 8.00 2.78
N LEU A 56 -14.74 8.61 1.94
CA LEU A 56 -14.44 8.92 0.53
C LEU A 56 -13.71 10.27 0.49
N GLN A 57 -14.26 11.25 1.19
CA GLN A 57 -13.57 12.56 1.29
C GLN A 57 -13.54 13.04 2.74
N ILE A 58 -12.52 13.83 3.01
CA ILE A 58 -12.41 14.69 4.23
C ILE A 58 -12.26 16.12 3.74
N ASN A 59 -13.29 16.95 4.02
CA ASN A 59 -13.32 18.38 3.65
C ASN A 59 -13.10 18.47 2.14
N GLY A 60 -13.92 17.76 1.38
CA GLY A 60 -13.85 17.69 -0.10
C GLY A 60 -12.54 17.15 -0.68
N GLU A 61 -11.52 16.79 0.10
CA GLU A 61 -10.35 16.04 -0.46
C GLU A 61 -10.62 14.53 -0.53
N ASN A 62 -10.31 13.90 -1.64
CA ASN A 62 -10.39 12.43 -1.86
C ASN A 62 -9.42 11.71 -0.95
N CYS A 63 -9.83 10.65 -0.26
CA CYS A 63 -8.96 9.84 0.64
C CYS A 63 -8.26 8.72 -0.13
N ALA A 64 -8.61 8.52 -1.38
CA ALA A 64 -8.09 7.40 -2.20
C ALA A 64 -6.58 7.33 -2.06
N GLY A 65 -6.04 6.19 -1.64
CA GLY A 65 -4.59 6.00 -1.63
C GLY A 65 -3.92 6.59 -0.38
N TRP A 66 -4.62 7.26 0.51
CA TRP A 66 -4.01 7.75 1.76
C TRP A 66 -3.56 6.59 2.63
N SER A 67 -2.38 6.73 3.26
CA SER A 67 -1.96 5.88 4.42
C SER A 67 -2.88 6.15 5.61
N SER A 68 -3.03 5.19 6.54
CA SER A 68 -3.62 5.41 7.89
C SER A 68 -2.94 6.67 8.53
N ASP A 69 -1.61 6.79 8.51
CA ASP A 69 -0.89 7.97 9.11
C ASP A 69 -1.38 9.28 8.48
N LYS A 70 -1.60 9.32 7.15
CA LYS A 70 -1.97 10.60 6.48
C LYS A 70 -3.40 11.01 6.83
N ALA A 71 -4.33 10.07 6.82
CA ALA A 71 -5.74 10.39 7.14
C ALA A 71 -5.76 11.02 8.54
N HIS A 72 -5.03 10.43 9.51
CA HIS A 72 -4.89 10.90 10.93
C HIS A 72 -4.24 12.29 11.02
N LYS A 73 -3.17 12.52 10.27
CA LYS A 73 -2.53 13.85 10.18
C LYS A 73 -3.54 14.81 9.57
N VAL A 74 -4.28 14.42 8.53
CA VAL A 74 -5.30 15.33 7.96
C VAL A 74 -6.34 15.71 9.03
N LEU A 75 -6.89 14.76 9.76
CA LEU A 75 -7.87 15.11 10.81
C LEU A 75 -7.25 16.06 11.85
N LYS A 76 -6.00 15.80 12.28
CA LYS A 76 -5.23 16.62 13.26
C LYS A 76 -5.23 18.08 12.77
N GLN A 77 -4.74 18.33 11.56
CA GLN A 77 -4.52 19.70 11.02
C GLN A 77 -5.82 20.44 10.65
N ALA A 78 -6.96 19.75 10.48
CA ALA A 78 -8.24 20.38 10.06
C ALA A 78 -8.64 21.50 11.04
N PHE A 79 -9.23 22.61 10.55
CA PHE A 79 -9.69 23.78 11.37
C PHE A 79 -11.01 23.46 12.09
N GLY A 80 -11.05 22.35 12.84
CA GLY A 80 -11.85 22.12 14.06
C GLY A 80 -13.30 22.54 13.97
N GLU A 81 -13.52 23.86 13.84
CA GLU A 81 -14.84 24.53 13.58
C GLU A 81 -15.87 23.53 13.02
N LYS A 82 -15.51 22.84 11.95
CA LYS A 82 -16.48 22.08 11.11
C LYS A 82 -15.66 21.23 10.16
N ILE A 83 -15.71 19.91 10.33
CA ILE A 83 -15.11 18.95 9.35
C ILE A 83 -16.25 18.25 8.59
N THR A 84 -16.19 18.25 7.24
CA THR A 84 -17.17 17.51 6.42
C THR A 84 -16.54 16.20 5.96
N MET A 85 -17.32 15.12 6.05
CA MET A 85 -16.92 13.82 5.49
C MET A 85 -17.99 13.31 4.54
N THR A 86 -17.51 12.68 3.47
CA THR A 86 -18.37 11.91 2.54
C THR A 86 -18.17 10.45 2.89
N ILE A 87 -19.25 9.81 3.33
CA ILE A 87 -19.20 8.44 3.91
C ILE A 87 -19.93 7.47 2.98
N ARG A 88 -19.39 6.28 2.76
CA ARG A 88 -20.13 5.15 2.16
C ARG A 88 -20.41 4.15 3.31
N ASP A 89 -21.67 3.78 3.48
CA ASP A 89 -22.13 2.93 4.61
C ASP A 89 -21.57 1.48 4.58
N ARG A 90 -20.72 1.16 5.54
CA ARG A 90 -20.24 -0.18 5.94
C ARG A 90 -20.15 -1.13 4.77
N PRO A 91 -19.39 -0.81 3.73
CA PRO A 91 -19.52 -1.53 2.49
C PRO A 91 -19.02 -2.99 2.51
N PHE A 92 -18.12 -3.33 3.43
CA PHE A 92 -17.66 -4.73 3.60
C PHE A 92 -18.67 -5.58 4.41
N GLU A 93 -19.80 -5.01 4.84
CA GLU A 93 -20.66 -5.76 5.79
C GLU A 93 -22.00 -6.09 5.14
N ARG A 94 -22.79 -6.97 5.78
CA ARG A 94 -24.18 -7.24 5.34
C ARG A 94 -25.01 -7.43 6.60
N THR A 95 -26.34 -7.31 6.45
CA THR A 95 -27.34 -7.44 7.53
C THR A 95 -28.19 -8.68 7.25
N ILE A 96 -28.33 -9.57 8.23
CA ILE A 96 -29.19 -10.78 8.19
C ILE A 96 -30.20 -10.59 9.32
N THR A 97 -31.45 -10.92 9.00
CA THR A 97 -32.57 -10.89 9.96
C THR A 97 -32.99 -12.31 10.22
N MET A 98 -33.00 -12.70 11.49
CA MET A 98 -33.43 -14.02 11.96
C MET A 98 -34.45 -13.87 13.10
N HIS A 99 -35.05 -15.00 13.49
CA HIS A 99 -36.17 -15.08 14.47
C HIS A 99 -35.82 -16.22 15.45
N LYS A 100 -35.78 -15.92 16.74
CA LYS A 100 -35.53 -16.91 17.80
C LYS A 100 -36.57 -18.01 17.68
N ASP A 101 -36.17 -19.26 17.93
CA ASP A 101 -37.10 -20.41 18.04
C ASP A 101 -37.79 -20.28 19.41
N SER A 102 -38.73 -21.16 19.76
CA SER A 102 -39.47 -21.08 21.06
C SER A 102 -38.51 -21.22 22.26
N THR A 103 -37.37 -21.89 22.04
CA THR A 103 -36.27 -22.05 23.03
C THR A 103 -35.37 -20.81 23.04
N GLY A 104 -35.73 -19.77 22.28
CA GLY A 104 -34.96 -18.51 22.23
C GLY A 104 -33.69 -18.58 21.38
N HIS A 105 -33.44 -19.62 20.57
CA HIS A 105 -32.19 -19.74 19.72
C HIS A 105 -32.37 -19.12 18.33
N VAL A 106 -31.35 -18.47 17.75
CA VAL A 106 -31.42 -18.04 16.32
C VAL A 106 -30.79 -19.14 15.48
N GLY A 107 -29.78 -19.82 16.02
CA GLY A 107 -29.21 -21.05 15.45
C GLY A 107 -27.79 -20.90 14.96
N PHE A 108 -26.86 -20.33 15.74
CA PHE A 108 -25.42 -20.44 15.42
C PHE A 108 -24.55 -20.53 16.66
N ILE A 109 -23.29 -20.93 16.41
CA ILE A 109 -22.16 -20.98 17.38
C ILE A 109 -21.11 -19.97 16.92
N PHE A 110 -20.59 -19.17 17.85
CA PHE A 110 -19.51 -18.21 17.56
C PHE A 110 -18.47 -18.25 18.66
N LYS A 111 -17.27 -17.76 18.33
CA LYS A 111 -16.10 -17.76 19.21
C LYS A 111 -15.19 -16.55 18.88
N ASN A 112 -14.87 -15.69 19.87
CA ASN A 112 -14.14 -14.42 19.65
C ASN A 112 -14.91 -13.58 18.62
N GLY A 113 -16.23 -13.53 18.77
CA GLY A 113 -17.10 -12.77 17.85
C GLY A 113 -17.24 -13.36 16.46
N LYS A 114 -16.65 -14.52 16.18
CA LYS A 114 -16.62 -15.11 14.81
C LYS A 114 -17.56 -16.34 14.75
N ILE A 115 -18.54 -16.30 13.84
CA ILE A 115 -19.52 -17.40 13.63
C ILE A 115 -18.74 -18.60 13.10
N THR A 116 -18.91 -19.78 13.73
CA THR A 116 -18.09 -21.00 13.38
C THR A 116 -18.97 -22.18 12.94
N SER A 117 -20.24 -22.19 13.26
CA SER A 117 -21.15 -23.26 12.77
C SER A 117 -22.59 -22.72 12.73
N ILE A 118 -23.35 -23.21 11.75
CA ILE A 118 -24.79 -22.89 11.56
C ILE A 118 -25.57 -24.16 11.94
N VAL A 119 -26.48 -24.05 12.89
CA VAL A 119 -27.23 -25.25 13.41
C VAL A 119 -28.30 -25.62 12.38
N LYS A 120 -28.35 -26.90 12.01
CA LYS A 120 -29.39 -27.54 11.15
C LYS A 120 -30.78 -26.95 11.47
N ASP A 121 -31.55 -26.59 10.43
CA ASP A 121 -32.99 -26.30 10.60
C ASP A 121 -33.23 -25.16 11.62
N SER A 122 -32.32 -24.17 11.71
CA SER A 122 -32.52 -22.89 12.42
C SER A 122 -32.93 -21.77 11.44
N SER A 123 -33.38 -20.66 12.02
CA SER A 123 -33.57 -19.35 11.34
C SER A 123 -32.24 -18.92 10.69
N ALA A 124 -31.12 -19.17 11.37
CA ALA A 124 -29.79 -18.85 10.80
C ALA A 124 -29.57 -19.67 9.52
N ALA A 125 -29.99 -20.94 9.50
CA ALA A 125 -29.88 -21.81 8.32
C ALA A 125 -30.82 -21.30 7.23
N ARG A 126 -32.09 -21.02 7.55
CA ARG A 126 -33.09 -20.59 6.53
C ARG A 126 -32.69 -19.25 5.90
N ASN A 127 -31.98 -18.40 6.66
CA ASN A 127 -31.57 -17.04 6.23
C ASN A 127 -30.14 -16.99 5.63
N GLY A 128 -29.46 -18.12 5.52
CA GLY A 128 -28.11 -18.28 4.94
C GLY A 128 -27.05 -17.48 5.67
N LEU A 129 -27.04 -17.56 7.00
CA LEU A 129 -25.91 -17.03 7.79
C LEU A 129 -24.68 -17.82 7.38
N LEU A 130 -23.52 -17.16 7.32
CA LEU A 130 -22.24 -17.79 6.94
C LEU A 130 -21.32 -17.91 8.14
N THR A 131 -20.48 -18.93 8.14
CA THR A 131 -19.35 -19.03 9.08
C THR A 131 -18.19 -18.14 8.57
N GLU A 132 -17.11 -18.13 9.34
CA GLU A 132 -15.89 -17.35 9.03
C GLU A 132 -16.30 -15.85 8.82
N HIS A 133 -17.30 -15.35 9.52
CA HIS A 133 -17.76 -13.93 9.50
C HIS A 133 -17.72 -13.43 10.93
N ASN A 134 -17.15 -12.25 11.18
CA ASN A 134 -17.13 -11.63 12.53
C ASN A 134 -18.47 -10.91 12.71
N ILE A 135 -19.06 -10.99 13.90
CA ILE A 135 -20.25 -10.19 14.24
C ILE A 135 -19.79 -8.77 14.51
N CYS A 136 -20.31 -7.77 13.81
CA CYS A 136 -19.97 -6.33 13.99
C CYS A 136 -21.03 -5.62 14.84
N GLU A 137 -22.30 -5.92 14.63
CA GLU A 137 -23.47 -5.25 15.28
C GLU A 137 -24.61 -6.25 15.47
N ILE A 138 -25.33 -6.14 16.59
CA ILE A 138 -26.61 -6.84 16.82
C ILE A 138 -27.69 -5.78 17.02
N ASN A 139 -28.75 -5.80 16.21
CA ASN A 139 -29.82 -4.78 16.39
C ASN A 139 -29.16 -3.39 16.43
N GLY A 140 -28.15 -3.21 15.60
CA GLY A 140 -27.56 -1.89 15.30
C GLY A 140 -26.71 -1.41 16.46
N GLN A 141 -26.45 -2.26 17.44
CA GLN A 141 -25.52 -1.98 18.55
C GLN A 141 -24.18 -2.66 18.25
N ASN A 142 -23.12 -1.89 18.30
CA ASN A 142 -21.81 -2.43 17.90
C ASN A 142 -21.34 -3.32 19.06
N VAL A 143 -20.84 -4.52 18.76
CA VAL A 143 -20.46 -5.51 19.81
C VAL A 143 -19.00 -5.89 19.65
N ILE A 144 -18.26 -5.11 18.89
CA ILE A 144 -16.86 -5.45 18.57
C ILE A 144 -16.03 -5.21 19.82
N GLY A 145 -15.45 -6.28 20.36
CA GLY A 145 -14.55 -6.21 21.52
C GLY A 145 -15.25 -6.65 22.78
N LEU A 146 -16.56 -6.78 22.74
CA LEU A 146 -17.27 -7.31 23.91
C LEU A 146 -16.82 -8.76 24.06
N LYS A 147 -16.94 -9.33 25.26
CA LYS A 147 -16.68 -10.77 25.55
C LYS A 147 -17.76 -11.55 24.83
N ASP A 148 -17.50 -12.83 24.55
CA ASP A 148 -18.53 -13.67 23.91
C ASP A 148 -19.82 -13.67 24.77
N SER A 149 -19.70 -13.60 26.10
CA SER A 149 -20.84 -13.78 27.02
C SER A 149 -21.76 -12.58 26.92
N GLN A 150 -21.17 -11.38 26.71
CA GLN A 150 -21.94 -10.11 26.63
C GLN A 150 -22.67 -10.11 25.29
N ILE A 151 -22.10 -10.78 24.29
CA ILE A 151 -22.75 -10.91 22.97
C ILE A 151 -23.96 -11.83 23.14
N ALA A 152 -23.78 -12.93 23.85
CA ALA A 152 -24.92 -13.82 24.18
C ALA A 152 -25.99 -13.05 24.96
N ASP A 153 -25.59 -12.20 25.92
CA ASP A 153 -26.55 -11.41 26.74
C ASP A 153 -27.39 -10.53 25.81
N ILE A 154 -26.76 -9.80 24.89
CA ILE A 154 -27.45 -8.85 23.98
C ILE A 154 -28.45 -9.65 23.13
N LEU A 155 -28.04 -10.82 22.64
CA LEU A 155 -28.94 -11.76 21.88
C LEU A 155 -30.13 -12.21 22.74
N SER A 156 -29.83 -12.72 23.94
CA SER A 156 -30.84 -13.15 24.97
C SER A 156 -31.93 -12.11 25.17
N THR A 157 -31.51 -10.87 25.39
CA THR A 157 -32.37 -9.77 25.89
C THR A 157 -32.79 -8.96 24.68
N SER A 158 -32.50 -9.44 23.48
CA SER A 158 -33.23 -9.02 22.25
C SER A 158 -34.57 -9.75 22.23
N GLY A 159 -35.58 -9.16 21.61
CA GLY A 159 -36.83 -9.87 21.32
C GLY A 159 -36.64 -10.86 20.19
N THR A 160 -37.73 -11.38 19.66
CA THR A 160 -37.66 -12.59 18.79
C THR A 160 -37.12 -12.22 17.37
N VAL A 161 -37.12 -10.94 16.97
CA VAL A 161 -36.43 -10.45 15.73
C VAL A 161 -35.02 -10.01 16.14
N VAL A 162 -34.03 -10.52 15.43
CA VAL A 162 -32.60 -10.26 15.71
C VAL A 162 -31.95 -9.93 14.37
N THR A 163 -31.49 -8.70 14.21
CA THR A 163 -30.73 -8.26 13.02
C THR A 163 -29.27 -8.31 13.38
N ILE A 164 -28.44 -8.98 12.58
CA ILE A 164 -26.97 -9.10 12.82
C ILE A 164 -26.24 -8.58 11.58
N THR A 165 -25.23 -7.79 11.83
CA THR A 165 -24.40 -7.18 10.78
C THR A 165 -23.09 -7.92 10.86
N ILE A 166 -22.68 -8.56 9.76
CA ILE A 166 -21.47 -9.42 9.71
C ILE A 166 -20.49 -8.93 8.62
N MET A 167 -19.22 -9.33 8.79
CA MET A 167 -18.09 -8.98 7.92
C MET A 167 -17.31 -10.27 7.75
N PRO A 168 -16.88 -10.59 6.52
CA PRO A 168 -15.93 -11.67 6.32
C PRO A 168 -14.67 -11.50 7.16
N ALA A 169 -14.28 -12.58 7.82
CA ALA A 169 -13.25 -12.54 8.86
C ALA A 169 -11.92 -11.97 8.32
N PHE A 170 -11.53 -12.32 7.09
N PHE A 170 -11.59 -12.27 7.07
CA PHE A 170 -10.25 -11.85 6.50
CA PHE A 170 -10.29 -11.87 6.46
C PHE A 170 -10.27 -10.32 6.52
C PHE A 170 -10.24 -10.34 6.32
N ILE A 171 -11.39 -9.71 6.14
CA ILE A 171 -11.49 -8.24 6.03
C ILE A 171 -11.46 -7.68 7.45
N PHE A 172 -12.21 -8.29 8.36
CA PHE A 172 -12.31 -7.86 9.76
C PHE A 172 -10.93 -7.81 10.40
N GLU A 173 -10.19 -8.91 10.26
CA GLU A 173 -8.84 -9.07 10.81
C GLU A 173 -7.92 -8.03 10.17
N HIS A 174 -8.06 -7.74 8.88
CA HIS A 174 -7.21 -6.73 8.21
C HIS A 174 -7.55 -5.34 8.80
N ILE A 175 -8.81 -5.07 9.19
CA ILE A 175 -9.20 -3.71 9.67
C ILE A 175 -8.71 -3.50 11.11
N ILE A 176 -8.76 -4.51 11.96
CA ILE A 176 -8.44 -4.31 13.40
C ILE A 176 -6.94 -4.49 13.69
N LYS A 177 -6.16 -4.93 12.70
CA LYS A 177 -4.68 -5.10 12.81
C LYS A 177 -4.06 -3.81 13.38
N ARG A 178 -3.17 -3.96 14.38
CA ARG A 178 -2.37 -2.81 14.96
C ARG A 178 -3.18 -2.01 16.00
N MET A 179 -4.41 -2.45 16.33
CA MET A 179 -5.23 -1.89 17.44
C MET A 179 -5.37 -2.92 18.58
N ALA A 180 -4.84 -2.57 19.77
CA ALA A 180 -4.82 -3.37 21.02
C ALA A 180 -6.23 -3.89 21.30
N PRO A 181 -6.41 -5.22 21.50
CA PRO A 181 -7.73 -5.78 21.88
C PRO A 181 -8.42 -5.02 23.04
N SER A 182 -7.63 -4.49 23.99
CA SER A 182 -8.10 -3.77 25.22
C SER A 182 -8.75 -2.43 24.85
N ILE A 183 -8.21 -1.71 23.86
CA ILE A 183 -8.80 -0.42 23.35
C ILE A 183 -10.21 -0.75 22.79
N MET A 184 -10.34 -1.91 22.11
CA MET A 184 -11.60 -2.38 21.43
C MET A 184 -12.70 -2.51 22.47
N LYS A 185 -12.49 -3.33 23.52
CA LYS A 185 -13.47 -3.50 24.62
C LYS A 185 -13.71 -2.16 25.32
N SER A 186 -12.63 -1.45 25.67
CA SER A 186 -12.72 -0.22 26.50
C SER A 186 -13.39 0.93 25.76
N LEU A 187 -12.96 1.24 24.53
CA LEU A 187 -13.24 2.57 23.91
C LEU A 187 -14.14 2.48 22.69
N MET A 188 -14.17 1.35 21.95
CA MET A 188 -15.17 1.15 20.86
C MET A 188 -16.56 1.39 21.42
N ASP A 189 -17.23 2.37 20.82
CA ASP A 189 -18.58 2.81 21.21
C ASP A 189 -19.52 1.62 21.05
N HIS A 190 -20.04 1.13 22.17
CA HIS A 190 -20.92 -0.06 22.23
C HIS A 190 -22.35 0.38 22.53
N THR A 191 -22.66 1.67 22.45
CA THR A 191 -23.94 2.19 23.02
C THR A 191 -25.02 2.15 21.93
N ILE A 192 -26.27 2.23 22.32
CA ILE A 192 -27.43 2.47 21.42
C ILE A 192 -27.33 3.96 21.10
N PRO A 193 -27.50 4.42 19.83
CA PRO A 193 -27.38 5.85 19.54
C PRO A 193 -28.47 6.67 20.25
N GLU A 194 -28.12 7.92 20.51
CA GLU A 194 -28.90 8.95 21.22
C GLU A 194 -29.90 9.56 20.25
N VAL A 195 -31.05 10.02 20.73
CA VAL A 195 -31.98 10.83 19.89
C VAL A 195 -32.17 12.17 20.60
N ALA B 3 18.88 23.16 23.05
CA ALA B 3 19.75 22.29 23.89
C ALA B 3 19.58 22.67 25.36
N GLU B 4 19.46 23.98 25.65
CA GLU B 4 19.25 24.53 27.02
C GLU B 4 18.11 23.77 27.71
N ILE B 5 18.33 23.31 28.94
CA ILE B 5 17.29 22.66 29.80
C ILE B 5 16.23 23.71 30.17
N LYS B 6 14.99 23.55 29.66
CA LYS B 6 13.82 24.43 29.96
C LYS B 6 13.39 24.17 31.40
N GLN B 7 12.99 25.23 32.12
CA GLN B 7 12.57 25.11 33.55
C GLN B 7 11.04 25.13 33.63
N GLY B 8 10.49 24.37 34.57
CA GLY B 8 9.05 24.13 34.65
C GLY B 8 8.60 23.11 33.62
N ILE B 9 7.30 23.13 33.34
CA ILE B 9 6.52 21.98 32.81
C ILE B 9 5.83 22.37 31.51
N ARG B 10 5.96 21.54 30.47
CA ARG B 10 5.25 21.73 29.16
C ARG B 10 4.30 20.55 28.91
N GLU B 11 3.17 20.80 28.21
CA GLU B 11 2.21 19.73 27.78
C GLU B 11 2.62 19.36 26.36
N VAL B 12 2.78 18.07 26.03
CA VAL B 12 3.05 17.63 24.63
C VAL B 12 1.85 16.75 24.25
N ILE B 13 1.51 16.75 22.96
CA ILE B 13 0.32 16.03 22.43
C ILE B 13 0.83 15.03 21.41
N LEU B 14 0.66 13.75 21.73
CA LEU B 14 1.07 12.61 20.90
C LEU B 14 -0.20 11.94 20.40
N CYS B 15 0.00 11.01 19.50
CA CYS B 15 -1.01 10.32 18.70
C CYS B 15 -0.30 9.15 18.06
N LYS B 16 -0.73 7.95 18.38
CA LYS B 16 -0.11 6.67 17.96
C LYS B 16 0.00 6.63 16.44
N ASP B 17 0.99 5.90 15.94
CA ASP B 17 1.24 5.72 14.49
C ASP B 17 0.37 4.54 14.03
N GLN B 18 0.37 4.22 12.75
CA GLN B 18 -0.51 3.12 12.20
C GLN B 18 -0.12 1.74 12.76
N ASP B 19 1.04 1.59 13.40
CA ASP B 19 1.36 0.32 14.13
C ASP B 19 0.88 0.38 15.59
N GLY B 20 0.21 1.45 16.06
CA GLY B 20 -0.24 1.53 17.46
C GLY B 20 0.88 1.95 18.41
N LYS B 21 1.95 2.51 17.87
CA LYS B 21 3.20 2.83 18.62
C LYS B 21 3.41 4.33 18.78
N ILE B 22 4.10 4.68 19.86
CA ILE B 22 4.43 6.05 20.35
C ILE B 22 5.93 6.27 20.10
N GLY B 23 6.73 5.22 20.27
CA GLY B 23 8.20 5.31 20.16
C GLY B 23 8.89 5.69 21.47
N LEU B 24 8.32 5.33 22.63
CA LEU B 24 8.92 5.62 23.96
C LEU B 24 9.19 4.33 24.70
N ARG B 25 10.30 4.27 25.43
CA ARG B 25 10.38 3.36 26.59
C ARG B 25 10.51 4.24 27.83
N LEU B 26 9.78 3.86 28.89
CA LEU B 26 9.55 4.65 30.11
C LEU B 26 10.17 3.84 31.23
N LYS B 27 10.71 4.50 32.26
CA LYS B 27 11.43 3.82 33.36
C LYS B 27 11.15 4.51 34.68
N SER B 28 10.87 3.71 35.71
CA SER B 28 10.65 4.20 37.09
C SER B 28 11.99 4.59 37.74
N ILE B 29 12.12 5.84 38.17
CA ILE B 29 13.31 6.36 38.89
C ILE B 29 12.86 7.21 40.07
N ASP B 30 13.22 6.87 41.30
CA ASP B 30 12.98 7.73 42.49
C ASP B 30 11.49 8.13 42.48
N ASN B 31 10.63 7.15 42.17
CA ASN B 31 9.17 7.35 42.20
C ASN B 31 8.69 8.40 41.22
N GLY B 32 9.44 8.70 40.16
CA GLY B 32 8.89 9.33 38.96
C GLY B 32 9.04 8.41 37.76
N ILE B 33 8.65 8.89 36.61
CA ILE B 33 8.71 8.15 35.33
C ILE B 33 9.59 8.97 34.38
N PHE B 34 10.60 8.33 33.81
CA PHE B 34 11.54 8.99 32.86
C PHE B 34 11.58 8.25 31.55
N VAL B 35 11.90 8.97 30.49
CA VAL B 35 12.11 8.36 29.14
C VAL B 35 13.47 7.64 29.10
N GLN B 36 13.55 6.33 28.84
CA GLN B 36 14.89 5.69 28.64
C GLN B 36 15.13 5.53 27.16
N LEU B 37 14.12 5.68 26.34
CA LEU B 37 14.32 5.58 24.89
C LEU B 37 13.25 6.39 24.15
N VAL B 38 13.70 7.14 23.14
CA VAL B 38 12.85 7.70 22.08
C VAL B 38 13.29 7.03 20.79
N GLN B 39 12.33 6.63 19.96
CA GLN B 39 12.57 5.96 18.65
C GLN B 39 12.60 7.01 17.56
N ALA B 40 13.65 6.98 16.75
CA ALA B 40 13.77 7.73 15.47
C ALA B 40 12.45 7.63 14.69
N ASN B 41 11.91 8.75 14.18
CA ASN B 41 10.75 8.77 13.25
C ASN B 41 9.48 8.25 13.92
N SER B 42 9.26 8.58 15.18
CA SER B 42 8.11 8.10 15.95
C SER B 42 7.30 9.32 16.25
N PRO B 43 6.01 9.22 16.61
CA PRO B 43 5.30 10.36 17.17
C PRO B 43 6.12 11.04 18.27
N ALA B 44 6.72 10.26 19.18
CA ALA B 44 7.48 10.86 20.31
C ALA B 44 8.67 11.74 19.82
N SER B 45 9.50 11.28 18.88
CA SER B 45 10.60 12.12 18.30
C SER B 45 9.99 13.36 17.64
N LEU B 46 8.94 13.20 16.83
CA LEU B 46 8.34 14.32 16.07
C LEU B 46 7.77 15.40 17.02
N VAL B 47 7.22 15.05 18.21
CA VAL B 47 6.79 16.16 19.15
C VAL B 47 7.96 16.64 20.01
N GLY B 48 9.14 16.06 19.94
CA GLY B 48 10.33 16.61 20.63
C GLY B 48 10.59 16.02 22.00
N LEU B 49 10.05 14.83 22.30
CA LEU B 49 10.44 14.11 23.54
C LEU B 49 11.91 13.66 23.46
N ARG B 50 12.60 13.65 24.61
CA ARG B 50 14.03 13.33 24.71
C ARG B 50 14.30 12.30 25.80
N PHE B 51 15.35 11.48 25.59
CA PHE B 51 16.01 10.69 26.64
C PHE B 51 16.15 11.61 27.88
N GLY B 52 15.62 11.15 29.01
CA GLY B 52 15.82 11.83 30.28
C GLY B 52 14.66 12.73 30.68
N ASP B 53 13.71 13.03 29.76
CA ASP B 53 12.48 13.78 30.07
C ASP B 53 11.76 13.01 31.19
N GLN B 54 11.16 13.75 32.09
CA GLN B 54 10.33 13.15 33.16
C GLN B 54 8.90 13.30 32.66
N VAL B 55 8.13 12.26 32.75
CA VAL B 55 6.67 12.32 32.51
C VAL B 55 5.96 12.47 33.86
N LEU B 56 5.27 13.60 34.07
CA LEU B 56 4.54 13.91 35.33
C LEU B 56 3.13 13.34 35.22
N GLN B 57 2.51 13.52 34.04
CA GLN B 57 1.14 13.04 33.77
C GLN B 57 1.01 12.44 32.37
N ILE B 58 0.16 11.42 32.26
CA ILE B 58 -0.31 10.88 30.94
C ILE B 58 -1.82 11.00 30.94
N ASN B 59 -2.37 11.73 29.97
CA ASN B 59 -3.85 11.83 29.90
C ASN B 59 -4.36 12.36 31.24
N GLY B 60 -3.65 13.29 31.91
CA GLY B 60 -4.15 13.90 33.17
C GLY B 60 -4.05 12.99 34.40
N GLU B 61 -3.49 11.77 34.32
CA GLU B 61 -3.17 10.91 35.50
C GLU B 61 -1.70 11.14 35.93
N ASN B 62 -1.47 11.27 37.24
CA ASN B 62 -0.12 11.48 37.83
C ASN B 62 0.68 10.20 37.68
N CYS B 63 1.89 10.27 37.19
CA CYS B 63 2.79 9.08 37.05
C CYS B 63 3.52 8.72 38.35
N ALA B 64 3.40 9.56 39.39
CA ALA B 64 4.16 9.39 40.63
C ALA B 64 3.89 7.99 41.17
N GLY B 65 4.97 7.26 41.48
CA GLY B 65 4.86 5.92 42.07
C GLY B 65 4.59 4.87 41.03
N TRP B 66 4.39 5.20 39.75
CA TRP B 66 4.10 4.11 38.78
C TRP B 66 5.35 3.25 38.59
N SER B 67 5.18 1.93 38.56
CA SER B 67 6.20 0.98 38.02
C SER B 67 6.40 1.26 36.52
N SER B 68 7.51 0.83 35.95
CA SER B 68 7.77 0.84 34.48
C SER B 68 6.67 0.03 33.79
N ASP B 69 6.34 -1.13 34.37
CA ASP B 69 5.24 -2.03 33.86
C ASP B 69 3.94 -1.24 33.73
N LYS B 70 3.54 -0.42 34.72
CA LYS B 70 2.22 0.25 34.68
C LYS B 70 2.25 1.38 33.62
N ALA B 71 3.34 2.14 33.52
CA ALA B 71 3.44 3.24 32.54
C ALA B 71 3.26 2.66 31.11
N HIS B 72 3.97 1.62 30.78
CA HIS B 72 3.86 0.94 29.46
C HIS B 72 2.41 0.46 29.24
N LYS B 73 1.82 -0.17 30.25
CA LYS B 73 0.42 -0.65 30.17
C LYS B 73 -0.49 0.53 29.81
N VAL B 74 -0.30 1.64 30.48
CA VAL B 74 -1.19 2.82 30.33
C VAL B 74 -1.13 3.29 28.87
N LEU B 75 0.07 3.36 28.31
CA LEU B 75 0.30 3.76 26.91
C LEU B 75 -0.28 2.66 26.00
N LYS B 76 -0.05 1.39 26.32
CA LYS B 76 -0.60 0.30 25.47
C LYS B 76 -2.11 0.51 25.33
N GLN B 77 -2.80 0.95 26.39
CA GLN B 77 -4.27 0.93 26.48
C GLN B 77 -4.86 2.25 26.04
N ALA B 78 -4.03 3.28 25.87
CA ALA B 78 -4.47 4.63 25.41
C ALA B 78 -5.08 4.62 23.98
N PHE B 79 -6.22 5.26 23.76
CA PHE B 79 -6.74 5.61 22.42
C PHE B 79 -5.61 6.33 21.67
N GLY B 80 -5.39 6.00 20.40
CA GLY B 80 -4.23 6.58 19.68
C GLY B 80 -4.41 8.00 19.20
N GLU B 81 -5.62 8.57 19.31
CA GLU B 81 -5.97 9.81 18.58
C GLU B 81 -5.23 10.95 19.24
N LYS B 82 -5.39 11.09 20.53
CA LYS B 82 -4.74 12.21 21.27
C LYS B 82 -4.28 11.71 22.65
N ILE B 83 -2.98 11.80 22.88
CA ILE B 83 -2.38 11.40 24.15
C ILE B 83 -1.64 12.66 24.61
N THR B 84 -2.05 13.19 25.76
CA THR B 84 -1.43 14.37 26.43
C THR B 84 -0.43 13.88 27.48
N MET B 85 0.78 14.41 27.40
CA MET B 85 1.80 14.22 28.45
C MET B 85 2.22 15.57 29.02
N THR B 86 2.31 15.65 30.34
CA THR B 86 3.03 16.77 31.00
C THR B 86 4.48 16.37 31.26
N ILE B 87 5.40 17.17 30.82
CA ILE B 87 6.84 16.87 30.71
C ILE B 87 7.68 17.88 31.52
N ARG B 88 8.64 17.42 32.30
CA ARG B 88 9.73 18.25 32.83
C ARG B 88 10.96 17.91 32.00
N ASP B 89 11.55 18.94 31.40
CA ASP B 89 12.70 18.82 30.49
C ASP B 89 13.92 18.23 31.20
N ARG B 90 14.37 17.06 30.75
CA ARG B 90 15.67 16.41 31.09
C ARG B 90 16.23 16.81 32.46
N PRO B 91 15.50 16.58 33.57
CA PRO B 91 15.86 17.17 34.86
C PRO B 91 17.10 16.60 35.56
N PHE B 92 17.60 15.44 35.15
CA PHE B 92 18.88 14.94 35.66
C PHE B 92 20.05 15.45 34.81
N GLU B 93 19.83 16.31 33.85
CA GLU B 93 20.92 16.70 32.93
C GLU B 93 21.20 18.19 33.04
N ARG B 94 22.36 18.60 32.51
CA ARG B 94 22.64 20.01 32.25
C ARG B 94 23.50 20.14 31.01
N THR B 95 23.64 21.36 30.53
CA THR B 95 24.32 21.63 29.25
C THR B 95 25.48 22.53 29.52
N ILE B 96 26.59 22.28 28.88
CA ILE B 96 27.84 23.07 29.05
C ILE B 96 28.21 23.47 27.63
N THR B 97 28.46 24.76 27.45
CA THR B 97 28.86 25.35 26.16
C THR B 97 30.36 25.57 26.24
N MET B 98 31.10 25.00 25.29
CA MET B 98 32.55 25.18 25.17
C MET B 98 32.90 25.75 23.78
N HIS B 99 34.11 26.26 23.66
CA HIS B 99 34.71 26.81 22.40
C HIS B 99 35.92 25.95 22.04
N LYS B 100 35.94 25.33 20.85
CA LYS B 100 37.10 24.53 20.37
C LYS B 100 38.31 25.46 20.29
N ASP B 101 39.48 25.00 20.65
CA ASP B 101 40.71 25.82 20.58
C ASP B 101 41.23 25.72 19.15
N SER B 102 42.42 26.22 18.86
CA SER B 102 42.97 26.29 17.47
C SER B 102 43.34 24.88 16.99
N THR B 103 43.53 23.88 17.88
CA THR B 103 43.75 22.45 17.50
C THR B 103 42.42 21.72 17.27
N GLY B 104 41.26 22.35 17.49
CA GLY B 104 39.93 21.74 17.28
C GLY B 104 39.38 21.01 18.53
N HIS B 105 39.98 21.20 19.70
CA HIS B 105 39.66 20.43 20.93
C HIS B 105 38.91 21.32 21.91
N VAL B 106 37.97 20.72 22.64
CA VAL B 106 37.31 21.41 23.77
C VAL B 106 37.99 21.09 25.10
N GLY B 107 38.68 19.93 25.23
CA GLY B 107 39.56 19.62 26.36
C GLY B 107 39.04 18.54 27.32
N PHE B 108 38.54 17.40 26.84
CA PHE B 108 38.34 16.23 27.74
C PHE B 108 38.68 14.95 26.99
N ILE B 109 38.75 13.91 27.79
CA ILE B 109 38.88 12.49 27.42
C ILE B 109 37.60 11.79 27.88
N PHE B 110 37.16 10.83 27.09
CA PHE B 110 35.98 10.03 27.43
C PHE B 110 36.20 8.60 27.00
N LYS B 111 35.41 7.72 27.57
CA LYS B 111 35.42 6.27 27.30
C LYS B 111 34.02 5.72 27.56
N ASN B 112 33.49 4.98 26.58
CA ASN B 112 32.12 4.40 26.60
C ASN B 112 31.13 5.53 26.94
N GLY B 113 31.25 6.66 26.25
CA GLY B 113 30.37 7.81 26.45
C GLY B 113 30.56 8.54 27.75
N LYS B 114 31.52 8.17 28.60
CA LYS B 114 31.67 8.76 29.93
C LYS B 114 32.95 9.58 30.01
N ILE B 115 32.81 10.84 30.44
CA ILE B 115 33.93 11.81 30.59
C ILE B 115 34.78 11.33 31.76
N THR B 116 36.07 11.15 31.54
CA THR B 116 36.99 10.58 32.57
C THR B 116 38.13 11.51 32.93
N SER B 117 38.44 12.47 32.09
CA SER B 117 39.48 13.46 32.41
C SER B 117 39.18 14.81 31.73
N ILE B 118 39.54 15.89 32.42
CA ILE B 118 39.41 17.29 31.95
C ILE B 118 40.80 17.83 31.63
N VAL B 119 41.04 18.28 30.39
CA VAL B 119 42.37 18.80 29.99
C VAL B 119 42.59 20.16 30.69
N LYS B 120 43.76 20.32 31.29
CA LYS B 120 44.33 21.59 31.80
C LYS B 120 44.17 22.73 30.77
N ASP B 121 43.75 23.90 31.26
CA ASP B 121 43.73 25.19 30.52
C ASP B 121 42.95 25.04 29.21
N SER B 122 41.87 24.25 29.17
CA SER B 122 40.95 24.09 28.01
C SER B 122 39.61 24.81 28.24
N SER B 123 38.81 24.93 27.19
CA SER B 123 37.42 25.40 27.29
C SER B 123 36.62 24.54 28.29
N ALA B 124 36.86 23.22 28.30
CA ALA B 124 36.20 22.26 29.23
C ALA B 124 36.53 22.65 30.67
N ALA B 125 37.81 22.93 30.95
CA ALA B 125 38.28 23.39 32.28
C ALA B 125 37.60 24.73 32.63
N ARG B 126 37.68 25.72 31.71
CA ARG B 126 37.14 27.06 32.00
C ARG B 126 35.66 26.98 32.35
N ASN B 127 34.92 26.08 31.70
CA ASN B 127 33.45 25.96 31.86
C ASN B 127 33.04 24.93 32.91
N GLY B 128 33.97 24.29 33.65
CA GLY B 128 33.61 23.36 34.75
C GLY B 128 32.96 22.07 34.30
N LEU B 129 33.38 21.54 33.17
CA LEU B 129 32.99 20.15 32.77
C LEU B 129 33.50 19.18 33.83
N LEU B 130 32.69 18.18 34.12
CA LEU B 130 32.88 17.19 35.19
C LEU B 130 33.11 15.81 34.60
N THR B 131 33.91 15.04 35.32
CA THR B 131 34.13 13.58 35.06
C THR B 131 33.00 12.74 35.71
N GLU B 132 33.00 11.44 35.45
CA GLU B 132 31.92 10.52 35.91
C GLU B 132 30.53 11.06 35.50
N HIS B 133 30.45 11.60 34.28
CA HIS B 133 29.20 12.07 33.65
C HIS B 133 29.12 11.45 32.26
N ASN B 134 27.97 10.87 31.89
CA ASN B 134 27.73 10.41 30.51
C ASN B 134 27.32 11.58 29.63
N ILE B 135 27.87 11.61 28.43
CA ILE B 135 27.48 12.49 27.30
C ILE B 135 26.14 12.01 26.73
N CYS B 136 25.06 12.75 26.94
CA CYS B 136 23.71 12.43 26.42
C CYS B 136 23.52 13.08 25.05
N GLU B 137 24.00 14.32 24.86
CA GLU B 137 23.73 15.06 23.61
C GLU B 137 24.99 15.83 23.23
N ILE B 138 25.17 16.08 21.94
CA ILE B 138 26.14 17.11 21.48
C ILE B 138 25.40 18.06 20.57
N ASN B 139 25.40 19.34 20.92
CA ASN B 139 24.57 20.34 20.24
C ASN B 139 23.17 19.81 20.05
N GLY B 140 22.57 19.32 21.14
CA GLY B 140 21.17 18.87 21.20
C GLY B 140 20.88 17.56 20.46
N GLN B 141 21.89 16.94 19.85
CA GLN B 141 21.77 15.63 19.16
C GLN B 141 22.05 14.50 20.14
N ASN B 142 21.06 13.67 20.41
CA ASN B 142 21.21 12.43 21.22
C ASN B 142 22.31 11.55 20.62
N VAL B 143 23.32 11.20 21.42
CA VAL B 143 24.45 10.33 21.03
C VAL B 143 24.50 9.06 21.90
N ILE B 144 23.41 8.69 22.56
CA ILE B 144 23.41 7.51 23.47
C ILE B 144 23.32 6.24 22.67
N GLY B 145 24.18 5.28 22.95
CA GLY B 145 24.30 4.03 22.19
C GLY B 145 25.28 4.18 21.02
N LEU B 146 25.78 5.35 20.67
CA LEU B 146 26.79 5.47 19.62
C LEU B 146 28.15 4.99 20.12
N LYS B 147 29.02 4.63 19.19
CA LYS B 147 30.42 4.24 19.53
C LYS B 147 31.17 5.52 19.89
N ASP B 148 32.19 5.41 20.74
CA ASP B 148 33.13 6.51 21.03
C ASP B 148 33.59 7.20 19.72
N SER B 149 33.99 6.44 18.69
CA SER B 149 34.43 6.99 17.36
C SER B 149 33.35 7.88 16.75
N GLN B 150 32.09 7.45 16.79
CA GLN B 150 30.94 8.21 16.25
C GLN B 150 30.80 9.50 17.07
N ILE B 151 30.88 9.41 18.41
CA ILE B 151 30.77 10.63 19.26
C ILE B 151 31.95 11.53 18.87
N ALA B 152 33.15 11.00 18.70
CA ALA B 152 34.33 11.82 18.35
C ALA B 152 34.09 12.51 17.02
N ASP B 153 33.56 11.81 16.02
CA ASP B 153 33.23 12.38 14.68
C ASP B 153 32.25 13.57 14.80
N ILE B 154 31.16 13.41 15.56
CA ILE B 154 30.13 14.48 15.75
C ILE B 154 30.81 15.70 16.41
N LEU B 155 31.71 15.47 17.37
CA LEU B 155 32.45 16.61 17.95
C LEU B 155 33.30 17.28 16.86
N SER B 156 34.06 16.50 16.09
CA SER B 156 34.98 17.07 15.06
C SER B 156 34.19 17.81 13.96
N THR B 157 33.02 17.35 13.54
CA THR B 157 32.19 18.05 12.52
C THR B 157 31.35 19.16 13.15
N SER B 158 31.37 19.36 14.46
CA SER B 158 30.64 20.51 15.05
C SER B 158 31.37 21.79 14.64
N GLY B 159 30.71 22.93 14.77
CA GLY B 159 31.40 24.23 14.69
C GLY B 159 32.31 24.45 15.87
N THR B 160 32.88 25.64 15.98
CA THR B 160 33.68 26.07 17.15
C THR B 160 32.88 26.00 18.46
N VAL B 161 31.60 26.28 18.40
CA VAL B 161 30.77 26.34 19.63
C VAL B 161 30.20 24.94 19.75
N VAL B 162 30.46 24.31 20.89
CA VAL B 162 30.04 22.92 21.18
C VAL B 162 29.29 22.97 22.52
N THR B 163 28.04 22.55 22.52
CA THR B 163 27.24 22.35 23.74
C THR B 163 27.18 20.86 23.98
N ILE B 164 27.52 20.44 25.21
CA ILE B 164 27.37 19.01 25.63
C ILE B 164 26.31 18.98 26.74
N THR B 165 25.43 18.00 26.67
CA THR B 165 24.40 17.70 27.67
C THR B 165 24.89 16.46 28.42
N ILE B 166 25.04 16.57 29.74
CA ILE B 166 25.67 15.50 30.54
C ILE B 166 24.69 15.10 31.63
N MET B 167 24.97 13.95 32.20
CA MET B 167 24.20 13.29 33.29
C MET B 167 25.19 12.55 34.19
N PRO B 168 25.03 12.66 35.53
CA PRO B 168 25.84 11.90 36.45
C PRO B 168 25.73 10.42 36.04
N ALA B 169 26.86 9.72 36.02
CA ALA B 169 26.95 8.33 35.55
C ALA B 169 26.03 7.41 36.35
N PHE B 170 26.00 7.56 37.67
N PHE B 170 26.02 7.53 37.68
CA PHE B 170 25.20 6.68 38.56
CA PHE B 170 25.18 6.66 38.54
C PHE B 170 23.71 6.81 38.21
C PHE B 170 23.73 6.77 38.05
N ILE B 171 23.27 7.98 37.72
CA ILE B 171 21.86 8.18 37.28
C ILE B 171 21.71 7.60 35.88
N PHE B 172 22.68 7.80 34.98
CA PHE B 172 22.57 7.31 33.58
C PHE B 172 22.46 5.77 33.59
N GLU B 173 23.31 5.09 34.38
CA GLU B 173 23.32 3.61 34.61
C GLU B 173 21.98 3.13 35.25
N HIS B 174 21.32 3.92 36.07
CA HIS B 174 19.96 3.58 36.59
C HIS B 174 18.94 3.66 35.46
N ILE B 175 18.94 4.73 34.68
CA ILE B 175 17.89 5.00 33.64
C ILE B 175 17.96 3.93 32.53
N ILE B 176 19.12 3.42 32.17
CA ILE B 176 19.20 2.46 31.05
C ILE B 176 18.99 1.01 31.49
N LYS B 177 18.89 0.68 32.78
CA LYS B 177 18.49 -0.71 33.21
C LYS B 177 17.12 -1.13 32.65
N ARG B 178 16.88 -2.44 32.67
CA ARG B 178 15.73 -3.13 32.04
C ARG B 178 15.59 -2.67 30.59
N MET B 179 16.69 -2.50 29.85
CA MET B 179 16.64 -2.21 28.40
C MET B 179 17.82 -2.92 27.77
N ALA B 180 17.55 -3.88 26.87
CA ALA B 180 18.55 -4.65 26.11
C ALA B 180 19.44 -3.64 25.41
N PRO B 181 20.78 -3.68 25.60
CA PRO B 181 21.69 -2.75 24.94
C PRO B 181 21.46 -2.74 23.44
N SER B 182 21.15 -3.92 22.90
CA SER B 182 20.98 -4.13 21.44
C SER B 182 19.82 -3.23 20.96
N ILE B 183 18.71 -3.12 21.73
CA ILE B 183 17.52 -2.22 21.51
C ILE B 183 17.94 -0.74 21.60
N MET B 184 18.71 -0.39 22.64
CA MET B 184 19.22 0.99 22.88
C MET B 184 20.02 1.42 21.66
N LYS B 185 20.97 0.60 21.24
CA LYS B 185 21.87 0.95 20.13
C LYS B 185 21.01 1.08 18.87
N SER B 186 20.04 0.21 18.66
CA SER B 186 19.42 0.15 17.32
C SER B 186 18.31 1.20 17.19
N LEU B 187 17.51 1.49 18.23
CA LEU B 187 16.27 2.32 18.04
C LEU B 187 16.48 3.78 18.45
N MET B 188 17.54 4.13 19.21
CA MET B 188 17.64 5.46 19.87
C MET B 188 17.64 6.53 18.78
N ASP B 189 16.75 7.52 18.90
CA ASP B 189 16.73 8.75 18.08
C ASP B 189 18.10 9.44 18.07
N HIS B 190 18.67 9.71 16.90
CA HIS B 190 19.87 10.56 16.71
C HIS B 190 19.58 11.69 15.73
N THR B 191 18.33 12.10 15.60
CA THR B 191 17.99 13.27 14.74
C THR B 191 18.77 14.51 15.15
N ILE B 192 19.12 15.34 14.20
CA ILE B 192 19.66 16.69 14.48
C ILE B 192 18.47 17.60 14.78
N PRO B 193 18.53 18.41 15.84
CA PRO B 193 17.45 19.35 16.13
C PRO B 193 17.09 20.31 14.96
N GLU B 194 15.77 20.44 14.77
CA GLU B 194 15.09 21.22 13.72
C GLU B 194 14.55 22.51 14.33
N VAL B 195 14.44 23.58 13.58
CA VAL B 195 13.51 24.69 13.98
C VAL B 195 12.31 24.67 13.04
N ALA C 3 -27.91 -4.22 -12.63
CA ALA C 3 -26.56 -4.08 -11.96
C ALA C 3 -26.73 -4.03 -10.42
N GLU C 4 -27.57 -3.10 -9.93
CA GLU C 4 -27.72 -2.74 -8.49
C GLU C 4 -28.21 -3.95 -7.69
N ILE C 5 -27.58 -4.22 -6.54
CA ILE C 5 -27.82 -5.45 -5.71
C ILE C 5 -29.18 -5.27 -4.99
N LYS C 6 -30.10 -6.23 -5.16
CA LYS C 6 -31.40 -6.29 -4.41
C LYS C 6 -31.16 -6.83 -3.00
N GLN C 7 -31.95 -6.38 -2.03
CA GLN C 7 -31.90 -6.84 -0.61
C GLN C 7 -32.87 -8.00 -0.38
N GLY C 8 -32.57 -8.79 0.64
CA GLY C 8 -33.29 -10.01 0.95
C GLY C 8 -33.30 -10.98 -0.22
N ILE C 9 -34.36 -11.75 -0.14
CA ILE C 9 -34.46 -13.14 -0.62
C ILE C 9 -35.58 -13.11 -1.66
N ARG C 10 -35.44 -13.87 -2.73
CA ARG C 10 -36.52 -14.03 -3.72
C ARG C 10 -36.61 -15.51 -4.07
N GLU C 11 -37.77 -15.96 -4.53
CA GLU C 11 -37.96 -17.38 -4.93
C GLU C 11 -37.82 -17.44 -6.45
N VAL C 12 -37.16 -18.46 -7.00
CA VAL C 12 -37.22 -18.67 -8.48
C VAL C 12 -37.64 -20.12 -8.69
N ILE C 13 -38.26 -20.37 -9.83
CA ILE C 13 -38.84 -21.69 -10.19
C ILE C 13 -38.23 -22.06 -11.54
N LEU C 14 -37.64 -23.25 -11.68
CA LEU C 14 -36.91 -23.63 -12.91
C LEU C 14 -37.43 -24.94 -13.41
N CYS C 15 -37.19 -25.17 -14.71
CA CYS C 15 -37.40 -26.46 -15.41
C CYS C 15 -36.08 -26.95 -16.00
N LYS C 16 -35.82 -28.26 -15.89
CA LYS C 16 -34.66 -28.87 -16.60
C LYS C 16 -34.92 -28.68 -18.10
N ASP C 17 -33.91 -28.39 -18.93
CA ASP C 17 -34.15 -28.31 -20.40
C ASP C 17 -34.26 -29.74 -20.95
N GLN C 18 -34.13 -29.90 -22.26
CA GLN C 18 -34.39 -31.20 -22.92
C GLN C 18 -33.18 -32.11 -22.66
N ASP C 19 -32.00 -31.55 -22.35
CA ASP C 19 -30.83 -32.34 -21.89
C ASP C 19 -30.88 -32.62 -20.38
N GLY C 20 -31.94 -32.25 -19.65
CA GLY C 20 -32.02 -32.46 -18.19
C GLY C 20 -31.07 -31.55 -17.41
N LYS C 21 -30.76 -30.37 -17.95
CA LYS C 21 -29.78 -29.44 -17.35
C LYS C 21 -30.52 -28.19 -16.92
N ILE C 22 -30.09 -27.51 -15.85
CA ILE C 22 -30.52 -26.09 -15.61
C ILE C 22 -29.44 -25.09 -16.00
N GLY C 23 -28.17 -25.50 -16.04
CA GLY C 23 -27.05 -24.66 -16.47
C GLY C 23 -26.30 -23.98 -15.34
N LEU C 24 -26.04 -24.72 -14.25
CA LEU C 24 -25.38 -24.14 -13.05
C LEU C 24 -24.15 -24.93 -12.65
N ARG C 25 -23.22 -24.24 -12.03
CA ARG C 25 -22.22 -24.82 -11.12
C ARG C 25 -22.28 -24.07 -9.80
N LEU C 26 -22.32 -24.80 -8.71
CA LEU C 26 -22.52 -24.30 -7.35
C LEU C 26 -21.26 -24.62 -6.54
N LYS C 27 -21.02 -23.82 -5.52
CA LYS C 27 -19.75 -23.87 -4.76
C LYS C 27 -20.10 -23.64 -3.30
N SER C 28 -19.54 -24.48 -2.43
CA SER C 28 -19.58 -24.31 -0.96
C SER C 28 -18.64 -23.17 -0.57
N ILE C 29 -19.17 -22.10 0.05
CA ILE C 29 -18.37 -20.96 0.57
C ILE C 29 -18.91 -20.61 1.97
N ASP C 30 -18.09 -20.73 2.99
CA ASP C 30 -18.40 -20.25 4.37
C ASP C 30 -19.70 -20.93 4.85
N ASN C 31 -19.84 -22.23 4.62
CA ASN C 31 -21.04 -23.10 4.86
C ASN C 31 -22.33 -22.56 4.24
N GLY C 32 -22.17 -21.75 3.20
CA GLY C 32 -23.26 -21.55 2.24
C GLY C 32 -22.99 -22.13 0.86
N ILE C 33 -23.93 -21.91 -0.07
CA ILE C 33 -23.80 -22.42 -1.46
C ILE C 33 -23.93 -21.22 -2.39
N PHE C 34 -22.94 -21.01 -3.27
CA PHE C 34 -23.04 -19.89 -4.24
C PHE C 34 -22.94 -20.39 -5.68
N VAL C 35 -23.39 -19.54 -6.57
CA VAL C 35 -23.32 -19.81 -8.01
C VAL C 35 -21.92 -19.43 -8.47
N GLN C 36 -21.14 -20.40 -8.94
CA GLN C 36 -19.78 -20.17 -9.48
C GLN C 36 -19.82 -20.09 -11.01
N LEU C 37 -20.87 -20.59 -11.67
CA LEU C 37 -21.10 -20.39 -13.13
C LEU C 37 -22.59 -20.52 -13.48
N VAL C 38 -23.07 -19.65 -14.36
CA VAL C 38 -24.42 -19.71 -15.00
C VAL C 38 -24.14 -19.82 -16.50
N GLN C 39 -24.68 -20.80 -17.22
CA GLN C 39 -24.54 -20.89 -18.72
C GLN C 39 -25.51 -19.98 -19.45
N ALA C 40 -24.95 -19.33 -20.47
CA ALA C 40 -25.72 -18.58 -21.47
C ALA C 40 -26.84 -19.46 -22.00
N ASN C 41 -28.04 -18.92 -22.15
N ASN C 41 -28.02 -18.86 -22.16
CA ASN C 41 -29.14 -19.61 -22.88
CA ASN C 41 -29.26 -19.44 -22.75
C ASN C 41 -29.57 -20.85 -22.10
C ASN C 41 -29.54 -20.80 -22.09
N SER C 42 -29.53 -20.80 -20.76
CA SER C 42 -29.94 -21.96 -19.90
C SER C 42 -31.17 -21.58 -19.08
N PRO C 43 -31.92 -22.55 -18.54
CA PRO C 43 -33.00 -22.19 -17.62
C PRO C 43 -32.50 -21.29 -16.47
N ALA C 44 -31.31 -21.57 -15.92
CA ALA C 44 -30.70 -20.75 -14.85
C ALA C 44 -30.61 -19.28 -15.32
N SER C 45 -30.05 -18.98 -16.49
CA SER C 45 -29.85 -17.58 -16.94
C SER C 45 -31.19 -16.98 -17.30
N LEU C 46 -32.05 -17.77 -17.93
CA LEU C 46 -33.36 -17.27 -18.42
C LEU C 46 -34.20 -16.80 -17.22
N VAL C 47 -34.13 -17.46 -16.07
CA VAL C 47 -34.97 -17.07 -14.90
C VAL C 47 -34.28 -15.95 -14.08
N GLY C 48 -33.03 -15.58 -14.40
CA GLY C 48 -32.31 -14.44 -13.81
C GLY C 48 -31.20 -14.78 -12.78
N LEU C 49 -30.75 -16.04 -12.64
CA LEU C 49 -29.62 -16.35 -11.73
C LEU C 49 -28.34 -15.74 -12.28
N ARG C 50 -27.48 -15.31 -11.37
CA ARG C 50 -26.24 -14.60 -11.71
C ARG C 50 -25.12 -15.22 -10.91
N PHE C 51 -23.91 -15.11 -11.47
CA PHE C 51 -22.64 -15.44 -10.79
C PHE C 51 -22.71 -14.76 -9.41
N GLY C 52 -22.32 -15.47 -8.35
CA GLY C 52 -22.18 -14.93 -6.99
C GLY C 52 -23.48 -14.96 -6.20
N ASP C 53 -24.59 -15.30 -6.80
CA ASP C 53 -25.87 -15.49 -6.07
C ASP C 53 -25.69 -16.58 -4.99
N GLN C 54 -26.44 -16.47 -3.92
CA GLN C 54 -26.41 -17.41 -2.79
C GLN C 54 -27.70 -18.20 -2.85
N VAL C 55 -27.58 -19.51 -2.80
CA VAL C 55 -28.76 -20.45 -2.81
C VAL C 55 -29.04 -20.87 -1.37
N LEU C 56 -30.10 -20.34 -0.82
CA LEU C 56 -30.45 -20.61 0.61
C LEU C 56 -31.21 -21.93 0.70
N GLN C 57 -32.07 -22.20 -0.27
CA GLN C 57 -32.81 -23.50 -0.31
C GLN C 57 -33.06 -23.99 -1.73
N ILE C 58 -33.16 -25.31 -1.89
CA ILE C 58 -33.53 -26.01 -3.14
C ILE C 58 -34.72 -26.90 -2.78
N ASN C 59 -35.85 -26.74 -3.47
CA ASN C 59 -37.10 -27.49 -3.15
C ASN C 59 -37.34 -27.48 -1.65
N GLY C 60 -37.13 -26.30 -1.06
CA GLY C 60 -37.54 -25.92 0.31
C GLY C 60 -36.67 -26.54 1.39
N GLU C 61 -35.56 -27.18 1.03
CA GLU C 61 -34.55 -27.73 1.95
C GLU C 61 -33.38 -26.74 2.04
N ASN C 62 -32.85 -26.54 3.24
CA ASN C 62 -31.77 -25.55 3.53
C ASN C 62 -30.43 -26.04 2.93
N CYS C 63 -29.72 -25.18 2.22
CA CYS C 63 -28.41 -25.53 1.61
C CYS C 63 -27.28 -25.42 2.63
N ALA C 64 -27.56 -24.91 3.85
CA ALA C 64 -26.54 -24.61 4.89
C ALA C 64 -25.65 -25.85 5.14
N GLY C 65 -24.35 -25.65 5.01
CA GLY C 65 -23.33 -26.69 5.21
C GLY C 65 -23.25 -27.77 4.14
N TRP C 66 -24.01 -27.70 3.03
CA TRP C 66 -23.91 -28.62 1.88
C TRP C 66 -22.54 -28.43 1.23
N SER C 67 -21.85 -29.54 0.99
CA SER C 67 -20.69 -29.59 0.08
C SER C 67 -21.16 -29.22 -1.32
N SER C 68 -20.26 -28.84 -2.19
CA SER C 68 -20.56 -28.57 -3.62
C SER C 68 -21.11 -29.85 -4.26
N ASP C 69 -20.46 -30.98 -3.99
CA ASP C 69 -20.85 -32.33 -4.47
C ASP C 69 -22.33 -32.59 -4.10
N LYS C 70 -22.72 -32.30 -2.87
CA LYS C 70 -24.08 -32.59 -2.40
C LYS C 70 -25.09 -31.69 -3.10
N ALA C 71 -24.83 -30.38 -3.22
CA ALA C 71 -25.73 -29.46 -3.94
C ALA C 71 -25.96 -29.98 -5.39
N HIS C 72 -24.91 -30.43 -6.04
CA HIS C 72 -24.98 -30.95 -7.43
C HIS C 72 -25.74 -32.29 -7.45
N LYS C 73 -25.55 -33.14 -6.46
CA LYS C 73 -26.23 -34.45 -6.44
C LYS C 73 -27.73 -34.23 -6.24
N VAL C 74 -28.15 -33.33 -5.35
CA VAL C 74 -29.57 -32.94 -5.12
C VAL C 74 -30.19 -32.40 -6.41
N LEU C 75 -29.57 -31.45 -7.13
CA LEU C 75 -30.21 -30.92 -8.37
C LEU C 75 -30.26 -32.02 -9.46
N LYS C 76 -29.23 -32.83 -9.52
CA LYS C 76 -29.11 -33.93 -10.49
C LYS C 76 -30.25 -34.94 -10.25
N GLN C 77 -30.66 -35.12 -9.00
CA GLN C 77 -31.72 -36.09 -8.63
C GLN C 77 -33.09 -35.44 -8.57
N ALA C 78 -33.15 -34.14 -8.79
CA ALA C 78 -34.41 -33.36 -8.70
C ALA C 78 -35.26 -33.64 -9.93
N PHE C 79 -36.43 -34.24 -9.75
CA PHE C 79 -37.31 -34.63 -10.88
C PHE C 79 -38.79 -34.33 -10.58
N GLY C 80 -39.10 -33.25 -9.87
CA GLY C 80 -40.44 -32.64 -10.00
C GLY C 80 -40.57 -31.98 -11.36
N GLU C 81 -41.77 -31.54 -11.75
CA GLU C 81 -42.00 -30.75 -13.01
C GLU C 81 -41.33 -29.37 -12.84
N LYS C 82 -41.13 -28.94 -11.60
CA LYS C 82 -40.39 -27.69 -11.33
C LYS C 82 -39.34 -27.91 -10.22
N ILE C 83 -38.42 -26.95 -10.17
CA ILE C 83 -37.36 -26.78 -9.13
C ILE C 83 -37.55 -25.36 -8.61
N THR C 84 -37.72 -25.24 -7.29
CA THR C 84 -37.74 -23.93 -6.58
C THR C 84 -36.38 -23.76 -5.90
N MET C 85 -35.96 -22.52 -5.86
CA MET C 85 -34.70 -22.09 -5.21
C MET C 85 -35.04 -20.76 -4.56
N THR C 86 -34.65 -20.61 -3.31
CA THR C 86 -34.63 -19.32 -2.60
C THR C 86 -33.21 -18.73 -2.72
N ILE C 87 -33.14 -17.51 -3.17
CA ILE C 87 -31.90 -16.83 -3.63
C ILE C 87 -31.69 -15.57 -2.78
N ARG C 88 -30.44 -15.28 -2.39
CA ARG C 88 -30.08 -13.91 -1.94
C ARG C 88 -29.14 -13.34 -2.99
N ASP C 89 -29.43 -12.13 -3.39
CA ASP C 89 -28.82 -11.53 -4.59
C ASP C 89 -27.34 -11.19 -4.30
N ARG C 90 -26.43 -11.76 -5.07
CA ARG C 90 -24.98 -11.40 -5.12
C ARG C 90 -24.44 -10.80 -3.80
N PRO C 91 -24.52 -11.50 -2.66
CA PRO C 91 -24.24 -10.91 -1.35
C PRO C 91 -22.76 -10.51 -1.16
N PHE C 92 -21.79 -11.06 -1.91
CA PHE C 92 -20.38 -10.67 -1.68
C PHE C 92 -20.06 -9.47 -2.57
N GLU C 93 -21.01 -9.01 -3.40
CA GLU C 93 -20.65 -7.98 -4.41
C GLU C 93 -21.35 -6.66 -4.09
N ARG C 94 -20.86 -5.59 -4.72
N ARG C 94 -20.87 -5.57 -4.67
CA ARG C 94 -21.24 -4.17 -4.53
CA ARG C 94 -21.51 -4.24 -4.56
C ARG C 94 -21.19 -3.49 -5.91
C ARG C 94 -21.17 -3.46 -5.83
N THR C 95 -21.97 -2.45 -6.16
CA THR C 95 -21.79 -1.65 -7.40
C THR C 95 -21.24 -0.27 -7.05
N ILE C 96 -20.47 0.28 -7.97
CA ILE C 96 -19.89 1.65 -7.90
C ILE C 96 -20.19 2.31 -9.23
N THR C 97 -20.75 3.52 -9.22
CA THR C 97 -21.03 4.27 -10.45
C THR C 97 -19.99 5.39 -10.61
N MET C 98 -19.43 5.48 -11.81
CA MET C 98 -18.43 6.48 -12.21
C MET C 98 -18.90 7.19 -13.48
N HIS C 99 -18.29 8.32 -13.76
CA HIS C 99 -18.58 9.22 -14.91
C HIS C 99 -17.26 9.40 -15.65
N LYS C 100 -17.23 9.03 -16.92
CA LYS C 100 -16.00 9.23 -17.73
C LYS C 100 -15.59 10.72 -17.76
N ASP C 101 -14.34 10.98 -18.02
CA ASP C 101 -13.86 12.35 -18.29
C ASP C 101 -13.83 12.60 -19.80
N SER C 102 -13.44 13.82 -20.20
CA SER C 102 -13.41 14.30 -21.61
C SER C 102 -12.57 13.35 -22.48
N THR C 103 -11.63 12.61 -21.88
CA THR C 103 -10.82 11.58 -22.59
C THR C 103 -11.45 10.18 -22.48
N GLY C 104 -12.66 9.97 -21.94
CA GLY C 104 -13.27 8.62 -21.86
C GLY C 104 -12.68 7.74 -20.74
N HIS C 105 -11.95 8.33 -19.79
CA HIS C 105 -11.33 7.60 -18.66
C HIS C 105 -12.21 7.80 -17.39
N VAL C 106 -12.13 6.89 -16.45
CA VAL C 106 -12.89 6.88 -15.18
C VAL C 106 -11.89 6.92 -14.03
N GLY C 107 -10.66 6.45 -14.28
CA GLY C 107 -9.50 6.51 -13.38
C GLY C 107 -9.14 5.18 -12.74
N PHE C 108 -9.22 4.04 -13.43
CA PHE C 108 -8.55 2.84 -12.84
C PHE C 108 -7.82 2.04 -13.90
N ILE C 109 -6.93 1.18 -13.40
CA ILE C 109 -6.08 0.20 -14.12
C ILE C 109 -6.46 -1.16 -13.59
N PHE C 110 -6.56 -2.15 -14.46
CA PHE C 110 -6.89 -3.52 -14.04
C PHE C 110 -5.99 -4.49 -14.79
N LYS C 111 -5.87 -5.70 -14.23
CA LYS C 111 -5.10 -6.82 -14.81
C LYS C 111 -5.80 -8.12 -14.39
N ASN C 112 -6.13 -8.98 -15.36
CA ASN C 112 -6.92 -10.23 -15.15
C ASN C 112 -8.22 -9.89 -14.43
N GLY C 113 -8.83 -8.73 -14.70
CA GLY C 113 -10.15 -8.39 -14.18
C GLY C 113 -10.05 -7.76 -12.81
N LYS C 114 -8.83 -7.63 -12.25
CA LYS C 114 -8.65 -7.17 -10.86
C LYS C 114 -8.17 -5.73 -10.89
N ILE C 115 -8.87 -4.85 -10.16
CA ILE C 115 -8.47 -3.43 -10.05
C ILE C 115 -7.12 -3.37 -9.30
N THR C 116 -6.08 -2.75 -9.88
CA THR C 116 -4.72 -2.71 -9.33
C THR C 116 -4.26 -1.29 -9.00
N SER C 117 -4.87 -0.23 -9.55
CA SER C 117 -4.66 1.13 -9.01
C SER C 117 -5.79 2.10 -9.38
N ILE C 118 -5.93 3.12 -8.55
CA ILE C 118 -6.90 4.24 -8.71
C ILE C 118 -6.10 5.48 -9.02
N VAL C 119 -6.55 6.25 -10.02
CA VAL C 119 -5.87 7.51 -10.42
C VAL C 119 -6.41 8.59 -9.48
N LYS C 120 -5.53 9.44 -8.96
CA LYS C 120 -5.88 10.56 -8.06
C LYS C 120 -6.83 11.56 -8.77
N ASP C 121 -7.86 12.00 -8.02
CA ASP C 121 -8.87 13.04 -8.38
C ASP C 121 -9.69 12.60 -9.61
N SER C 122 -9.71 11.30 -9.90
CA SER C 122 -10.53 10.73 -11.01
C SER C 122 -11.95 10.43 -10.43
N SER C 123 -12.91 10.04 -11.28
CA SER C 123 -14.25 9.53 -10.84
C SER C 123 -14.10 8.30 -9.95
N ALA C 124 -13.21 7.37 -10.31
CA ALA C 124 -12.95 6.17 -9.47
C ALA C 124 -12.55 6.63 -8.04
N ALA C 125 -11.64 7.59 -7.93
CA ALA C 125 -11.18 8.05 -6.58
C ALA C 125 -12.36 8.74 -5.87
N ARG C 126 -13.11 9.62 -6.55
CA ARG C 126 -14.21 10.39 -5.88
C ARG C 126 -15.25 9.37 -5.37
N ASN C 127 -15.39 8.27 -6.09
CA ASN C 127 -16.47 7.32 -5.75
C ASN C 127 -15.93 6.22 -4.83
N GLY C 128 -14.64 6.23 -4.51
CA GLY C 128 -14.07 5.24 -3.58
C GLY C 128 -14.01 3.80 -4.10
N LEU C 129 -13.64 3.63 -5.38
CA LEU C 129 -13.32 2.30 -5.94
C LEU C 129 -12.09 1.79 -5.20
N LEU C 130 -12.05 0.52 -4.93
CA LEU C 130 -10.98 -0.17 -4.22
C LEU C 130 -10.15 -1.04 -5.16
N THR C 131 -8.89 -1.21 -4.78
CA THR C 131 -8.01 -2.14 -5.46
C THR C 131 -8.25 -3.52 -4.84
N GLU C 132 -7.60 -4.53 -5.41
CA GLU C 132 -7.68 -5.91 -4.95
C GLU C 132 -9.15 -6.39 -5.00
N HIS C 133 -9.89 -5.90 -6.00
CA HIS C 133 -11.33 -6.21 -6.21
C HIS C 133 -11.52 -6.73 -7.63
N ASN C 134 -12.25 -7.84 -7.81
CA ASN C 134 -12.47 -8.35 -9.20
C ASN C 134 -13.69 -7.65 -9.82
N ILE C 135 -13.59 -7.33 -11.09
CA ILE C 135 -14.75 -6.81 -11.89
C ILE C 135 -15.59 -8.01 -12.30
N CYS C 136 -16.83 -8.10 -11.81
CA CYS C 136 -17.84 -9.15 -12.10
C CYS C 136 -18.76 -8.74 -13.24
N GLU C 137 -19.25 -7.51 -13.23
CA GLU C 137 -20.22 -7.03 -14.21
C GLU C 137 -19.88 -5.59 -14.60
N ILE C 138 -20.23 -5.24 -15.82
CA ILE C 138 -20.24 -3.82 -16.26
C ILE C 138 -21.65 -3.51 -16.74
N ASN C 139 -22.26 -2.47 -16.19
CA ASN C 139 -23.67 -2.09 -16.40
C ASN C 139 -24.51 -3.37 -16.45
N GLY C 140 -24.31 -4.28 -15.49
CA GLY C 140 -25.21 -5.45 -15.27
C GLY C 140 -24.86 -6.65 -16.16
N GLN C 141 -23.86 -6.51 -17.03
CA GLN C 141 -23.39 -7.59 -17.90
C GLN C 141 -22.19 -8.33 -17.23
N ASN C 142 -22.35 -9.63 -16.99
CA ASN C 142 -21.27 -10.50 -16.45
C ASN C 142 -20.08 -10.46 -17.44
N VAL C 143 -18.88 -10.19 -16.95
CA VAL C 143 -17.66 -10.15 -17.79
C VAL C 143 -16.63 -11.13 -17.23
N ILE C 144 -17.05 -12.14 -16.48
CA ILE C 144 -16.08 -13.09 -15.87
C ILE C 144 -15.62 -14.09 -16.91
N GLY C 145 -14.29 -14.23 -17.01
CA GLY C 145 -13.64 -15.12 -18.00
C GLY C 145 -13.35 -14.43 -19.30
N LEU C 146 -13.76 -13.18 -19.47
CA LEU C 146 -13.34 -12.38 -20.65
C LEU C 146 -11.87 -11.95 -20.52
N LYS C 147 -11.21 -11.75 -21.66
CA LYS C 147 -9.86 -11.15 -21.76
C LYS C 147 -9.90 -9.72 -21.23
N ASP C 148 -8.77 -9.22 -20.73
CA ASP C 148 -8.69 -7.80 -20.28
C ASP C 148 -9.07 -6.88 -21.43
N SER C 149 -8.67 -7.21 -22.65
CA SER C 149 -8.94 -6.36 -23.84
C SER C 149 -10.44 -6.31 -24.11
N GLN C 150 -11.16 -7.41 -23.88
CA GLN C 150 -12.63 -7.46 -24.07
C GLN C 150 -13.30 -6.65 -22.96
N ILE C 151 -12.82 -6.74 -21.73
CA ILE C 151 -13.38 -5.93 -20.61
C ILE C 151 -13.23 -4.44 -21.01
N ALA C 152 -12.05 -4.09 -21.50
CA ALA C 152 -11.71 -2.68 -21.80
C ALA C 152 -12.64 -2.14 -22.91
N ASP C 153 -12.78 -2.91 -23.98
CA ASP C 153 -13.73 -2.65 -25.08
C ASP C 153 -15.16 -2.46 -24.55
N ILE C 154 -15.64 -3.29 -23.62
CA ILE C 154 -17.02 -3.05 -23.05
C ILE C 154 -16.98 -1.73 -22.26
N LEU C 155 -15.85 -1.43 -21.55
CA LEU C 155 -15.72 -0.14 -20.82
C LEU C 155 -15.78 1.03 -21.83
N SER C 156 -15.03 0.98 -22.95
CA SER C 156 -15.03 2.06 -23.99
C SER C 156 -16.45 2.35 -24.53
N THR C 157 -17.25 1.32 -24.84
CA THR C 157 -18.53 1.47 -25.55
C THR C 157 -19.68 1.45 -24.52
N SER C 158 -19.37 1.60 -23.24
CA SER C 158 -20.40 2.03 -22.28
C SER C 158 -20.56 3.52 -22.52
N GLY C 159 -21.66 4.10 -22.09
CA GLY C 159 -21.78 5.56 -22.20
C GLY C 159 -20.90 6.22 -21.16
N THR C 160 -21.15 7.48 -20.89
CA THR C 160 -20.31 8.25 -19.94
C THR C 160 -20.58 7.75 -18.50
N VAL C 161 -21.76 7.21 -18.19
CA VAL C 161 -22.06 6.70 -16.82
C VAL C 161 -21.78 5.20 -16.84
N VAL C 162 -20.76 4.76 -16.12
CA VAL C 162 -20.28 3.35 -16.03
C VAL C 162 -20.55 2.82 -14.61
N THR C 163 -21.33 1.75 -14.49
CA THR C 163 -21.54 1.05 -13.19
C THR C 163 -20.84 -0.30 -13.21
N ILE C 164 -19.93 -0.55 -12.28
CA ILE C 164 -19.22 -1.87 -12.24
C ILE C 164 -19.59 -2.57 -10.93
N THR C 165 -19.87 -3.86 -11.05
CA THR C 165 -20.14 -4.73 -9.88
C THR C 165 -18.80 -5.37 -9.51
N ILE C 166 -18.38 -5.20 -8.25
CA ILE C 166 -17.06 -5.69 -7.79
C ILE C 166 -17.20 -6.67 -6.63
N MET C 167 -16.16 -7.47 -6.47
CA MET C 167 -16.07 -8.45 -5.38
C MET C 167 -14.64 -8.37 -4.89
N PRO C 168 -14.42 -8.38 -3.55
CA PRO C 168 -13.09 -8.59 -2.99
C PRO C 168 -12.41 -9.81 -3.65
N ALA C 169 -11.14 -9.62 -4.02
CA ALA C 169 -10.37 -10.58 -4.83
C ALA C 169 -10.32 -11.95 -4.14
N PHE C 170 -10.12 -11.98 -2.82
N PHE C 170 -10.07 -12.00 -2.82
CA PHE C 170 -9.89 -13.22 -2.03
CA PHE C 170 -9.88 -13.27 -2.07
C PHE C 170 -11.18 -14.04 -2.02
C PHE C 170 -11.19 -14.06 -2.16
N ILE C 171 -12.33 -13.37 -2.12
CA ILE C 171 -13.66 -14.06 -2.21
C ILE C 171 -13.82 -14.57 -3.64
N PHE C 172 -13.52 -13.72 -4.63
CA PHE C 172 -13.60 -14.13 -6.05
C PHE C 172 -12.72 -15.37 -6.29
N GLU C 173 -11.48 -15.34 -5.81
CA GLU C 173 -10.52 -16.44 -6.01
C GLU C 173 -11.11 -17.69 -5.39
N HIS C 174 -11.76 -17.57 -4.26
CA HIS C 174 -12.36 -18.76 -3.59
C HIS C 174 -13.55 -19.31 -4.41
N ILE C 175 -14.43 -18.46 -4.90
CA ILE C 175 -15.62 -18.95 -5.64
C ILE C 175 -15.19 -19.67 -6.93
N ILE C 176 -14.18 -19.21 -7.66
CA ILE C 176 -13.80 -19.83 -8.96
C ILE C 176 -12.87 -21.04 -8.78
N LYS C 177 -12.59 -21.50 -7.56
CA LYS C 177 -11.96 -22.83 -7.28
C LYS C 177 -12.88 -23.96 -7.75
N ARG C 178 -12.32 -25.09 -8.23
CA ARG C 178 -13.10 -26.29 -8.69
C ARG C 178 -13.61 -26.09 -10.11
N MET C 179 -12.97 -25.17 -10.87
CA MET C 179 -13.43 -24.73 -12.20
C MET C 179 -12.19 -24.33 -13.00
N ALA C 180 -11.96 -25.00 -14.13
CA ALA C 180 -10.88 -24.76 -15.11
C ALA C 180 -11.14 -23.40 -15.73
N PRO C 181 -10.10 -22.57 -15.85
CA PRO C 181 -10.25 -21.27 -16.51
C PRO C 181 -10.85 -21.39 -17.91
N SER C 182 -10.49 -22.43 -18.65
CA SER C 182 -11.00 -22.68 -20.03
C SER C 182 -12.50 -22.94 -20.05
N ILE C 183 -13.03 -23.68 -19.06
CA ILE C 183 -14.49 -23.94 -18.91
C ILE C 183 -15.21 -22.61 -18.57
N MET C 184 -14.66 -21.87 -17.64
CA MET C 184 -15.26 -20.59 -17.19
C MET C 184 -15.32 -19.62 -18.38
N LYS C 185 -14.25 -19.54 -19.19
CA LYS C 185 -14.21 -18.68 -20.40
C LYS C 185 -15.23 -19.15 -21.44
N SER C 186 -15.30 -20.46 -21.74
CA SER C 186 -16.22 -20.99 -22.78
C SER C 186 -17.68 -20.86 -22.33
N LEU C 187 -18.01 -21.13 -21.06
CA LEU C 187 -19.42 -21.39 -20.71
C LEU C 187 -20.09 -20.21 -20.03
N MET C 188 -19.34 -19.30 -19.40
CA MET C 188 -19.96 -18.29 -18.50
C MET C 188 -20.92 -17.41 -19.31
N ASP C 189 -22.14 -17.20 -18.79
CA ASP C 189 -23.13 -16.25 -19.38
C ASP C 189 -22.56 -14.83 -19.51
N HIS C 190 -22.65 -14.21 -20.67
CA HIS C 190 -22.29 -12.78 -20.89
C HIS C 190 -23.45 -12.11 -21.62
N THR C 191 -24.61 -12.72 -21.50
CA THR C 191 -25.88 -12.24 -22.11
C THR C 191 -26.22 -10.82 -21.68
N ILE C 192 -26.83 -10.06 -22.59
CA ILE C 192 -27.60 -8.84 -22.24
C ILE C 192 -29.08 -9.17 -22.38
N PRO C 193 -29.78 -9.50 -21.26
CA PRO C 193 -31.14 -10.06 -21.35
C PRO C 193 -32.24 -9.04 -21.74
N GLU C 194 -32.05 -7.77 -21.34
CA GLU C 194 -33.00 -6.65 -21.60
C GLU C 194 -32.18 -5.40 -21.94
N VAL C 195 -32.81 -4.42 -22.59
CA VAL C 195 -32.13 -3.15 -23.01
C VAL C 195 -33.10 -2.01 -22.71
N ILE D 5 16.21 6.57 -37.13
CA ILE D 5 17.51 6.13 -37.72
C ILE D 5 17.79 6.98 -38.97
N LYS D 6 19.04 7.42 -39.17
CA LYS D 6 19.48 8.31 -40.28
C LYS D 6 20.26 7.49 -41.32
N GLN D 7 19.60 7.05 -42.41
CA GLN D 7 20.29 6.36 -43.54
C GLN D 7 21.49 7.21 -43.98
N GLY D 8 22.62 7.09 -43.26
CA GLY D 8 23.87 7.73 -43.67
C GLY D 8 24.79 8.08 -42.52
N ILE D 9 25.82 8.85 -42.90
CA ILE D 9 27.09 9.16 -42.18
C ILE D 9 27.13 10.65 -41.83
N ARG D 10 27.36 10.98 -40.55
CA ARG D 10 27.53 12.39 -40.08
C ARG D 10 28.89 12.53 -39.41
N GLU D 11 29.39 13.78 -39.35
CA GLU D 11 30.60 14.11 -38.60
C GLU D 11 30.14 14.62 -37.24
N VAL D 12 30.78 14.18 -36.17
CA VAL D 12 30.57 14.77 -34.83
C VAL D 12 31.93 15.31 -34.40
N ILE D 13 31.92 16.44 -33.71
CA ILE D 13 33.18 17.07 -33.21
C ILE D 13 33.01 17.28 -31.71
N LEU D 14 34.00 16.83 -30.96
CA LEU D 14 33.95 16.58 -29.50
C LEU D 14 35.16 17.26 -28.84
N CYS D 15 35.07 17.63 -27.56
CA CYS D 15 36.25 18.04 -26.77
C CYS D 15 36.23 17.22 -25.48
N LYS D 16 37.40 16.74 -25.07
CA LYS D 16 37.55 15.99 -23.81
C LYS D 16 37.14 16.88 -22.65
N ASP D 17 36.59 16.30 -21.58
CA ASP D 17 36.23 17.12 -20.38
C ASP D 17 37.50 17.32 -19.51
N GLN D 18 37.38 17.76 -18.27
CA GLN D 18 38.56 18.17 -17.42
C GLN D 18 39.33 16.91 -17.01
N ASP D 19 38.66 15.76 -17.01
CA ASP D 19 39.27 14.45 -16.66
C ASP D 19 39.95 13.80 -17.87
N GLY D 20 39.94 14.51 -19.00
CA GLY D 20 40.46 14.03 -20.29
C GLY D 20 39.59 12.91 -20.86
N LYS D 21 38.28 12.91 -20.53
CA LYS D 21 37.35 11.84 -20.95
C LYS D 21 36.35 12.41 -21.98
N ILE D 22 35.82 11.55 -22.88
CA ILE D 22 34.68 11.97 -23.74
C ILE D 22 33.42 11.19 -23.36
N GLY D 23 33.52 10.01 -22.73
CA GLY D 23 32.37 9.25 -22.19
C GLY D 23 31.93 8.11 -23.12
N LEU D 24 32.89 7.35 -23.66
CA LEU D 24 32.62 6.22 -24.55
C LEU D 24 33.27 4.93 -24.06
N ARG D 25 32.62 3.80 -24.34
CA ARG D 25 33.27 2.45 -24.53
C ARG D 25 32.97 1.96 -25.94
N LEU D 26 33.99 1.43 -26.60
CA LEU D 26 33.92 0.96 -27.98
C LEU D 26 34.21 -0.55 -28.02
N LYS D 27 33.70 -1.20 -29.05
CA LYS D 27 33.77 -2.65 -29.20
C LYS D 27 34.04 -2.93 -30.68
N SER D 28 34.94 -3.86 -30.92
CA SER D 28 35.19 -4.44 -32.25
C SER D 28 34.07 -5.42 -32.56
N ILE D 29 33.35 -5.20 -33.64
CA ILE D 29 32.33 -6.15 -34.19
C ILE D 29 32.54 -6.23 -35.69
N ASP D 30 32.84 -7.43 -36.20
CA ASP D 30 32.82 -7.76 -37.63
C ASP D 30 33.78 -6.76 -38.34
N ASN D 31 34.90 -6.43 -37.68
CA ASN D 31 35.97 -5.54 -38.24
C ASN D 31 35.49 -4.11 -38.36
N GLY D 32 34.50 -3.75 -37.57
CA GLY D 32 34.06 -2.35 -37.39
C GLY D 32 34.18 -2.01 -35.94
N ILE D 33 34.04 -0.71 -35.64
CA ILE D 33 34.05 -0.25 -34.23
C ILE D 33 32.67 0.32 -33.94
N PHE D 34 32.05 -0.15 -32.86
CA PHE D 34 30.70 0.27 -32.40
C PHE D 34 30.74 0.79 -30.96
N VAL D 35 29.78 1.60 -30.63
CA VAL D 35 29.62 2.19 -29.27
C VAL D 35 28.89 1.19 -28.41
N GLN D 36 29.55 0.76 -27.36
CA GLN D 36 29.01 -0.19 -26.37
C GLN D 36 28.44 0.57 -25.19
N LEU D 37 28.94 1.78 -24.99
CA LEU D 37 28.39 2.68 -23.96
C LEU D 37 28.64 4.14 -24.28
N VAL D 38 27.64 4.94 -23.93
CA VAL D 38 27.72 6.43 -23.90
C VAL D 38 27.44 6.79 -22.47
N GLN D 39 28.39 7.50 -21.88
CA GLN D 39 28.25 7.95 -20.48
C GLN D 39 27.24 9.10 -20.36
N ALA D 40 26.31 8.98 -19.39
CA ALA D 40 25.37 10.06 -18.99
C ALA D 40 26.19 11.33 -18.69
N ASN D 41 25.80 12.43 -19.32
CA ASN D 41 26.21 13.83 -19.05
C ASN D 41 27.67 13.98 -19.47
N SER D 42 28.06 13.32 -20.54
CA SER D 42 29.45 13.30 -21.05
C SER D 42 29.49 14.14 -22.30
N PRO D 43 30.67 14.54 -22.77
CA PRO D 43 30.76 15.15 -24.11
C PRO D 43 30.14 14.28 -25.23
N ALA D 44 30.34 12.96 -25.18
CA ALA D 44 29.74 12.08 -26.17
C ALA D 44 28.19 12.19 -26.07
N SER D 45 27.56 12.17 -24.88
CA SER D 45 26.07 12.25 -24.72
C SER D 45 25.62 13.63 -25.20
N LEU D 46 26.39 14.68 -24.91
CA LEU D 46 25.98 16.07 -25.27
C LEU D 46 26.07 16.24 -26.80
N VAL D 47 26.98 15.60 -27.52
CA VAL D 47 26.96 15.79 -29.01
C VAL D 47 26.03 14.79 -29.69
N GLY D 48 25.28 13.97 -28.97
CA GLY D 48 24.34 13.02 -29.63
C GLY D 48 24.88 11.66 -30.07
N LEU D 49 25.99 11.14 -29.56
CA LEU D 49 26.37 9.73 -29.85
C LEU D 49 25.36 8.81 -29.14
N ARG D 50 25.15 7.64 -29.72
CA ARG D 50 24.29 6.60 -29.10
C ARG D 50 24.96 5.22 -29.06
N PHE D 51 24.47 4.46 -28.12
CA PHE D 51 24.67 3.02 -28.08
C PHE D 51 24.43 2.49 -29.50
N GLY D 52 25.28 1.60 -29.98
CA GLY D 52 25.16 0.95 -31.29
C GLY D 52 25.66 1.79 -32.47
N ASP D 53 26.03 3.04 -32.27
CA ASP D 53 26.59 3.83 -33.37
C ASP D 53 27.87 3.14 -33.86
N GLN D 54 28.18 3.27 -35.16
CA GLN D 54 29.44 2.76 -35.76
C GLN D 54 30.36 3.97 -35.96
N VAL D 55 31.61 3.82 -35.56
CA VAL D 55 32.69 4.80 -35.74
C VAL D 55 33.49 4.39 -36.96
N LEU D 56 33.31 5.13 -38.04
CA LEU D 56 33.97 4.88 -39.35
C LEU D 56 35.39 5.42 -39.29
N GLN D 57 35.53 6.63 -38.76
CA GLN D 57 36.85 7.32 -38.71
C GLN D 57 36.97 8.10 -37.38
N ILE D 58 38.21 8.18 -36.85
CA ILE D 58 38.56 9.06 -35.70
C ILE D 58 39.73 9.94 -36.20
N ASN D 59 39.54 11.26 -36.13
CA ASN D 59 40.50 12.28 -36.64
C ASN D 59 40.95 11.89 -38.04
N GLY D 60 40.02 11.49 -38.90
CA GLY D 60 40.29 11.20 -40.31
C GLY D 60 40.94 9.83 -40.55
N GLU D 61 41.26 9.05 -39.55
CA GLU D 61 41.82 7.68 -39.77
C GLU D 61 40.66 6.67 -39.73
N ASN D 62 40.62 5.72 -40.68
CA ASN D 62 39.62 4.62 -40.76
C ASN D 62 39.81 3.68 -39.56
N CYS D 63 38.72 3.38 -38.87
CA CYS D 63 38.73 2.43 -37.74
C CYS D 63 38.64 0.98 -38.23
N ALA D 64 38.44 0.70 -39.53
CA ALA D 64 38.26 -0.69 -40.06
C ALA D 64 39.38 -1.64 -39.58
N GLY D 65 39.03 -2.81 -39.04
CA GLY D 65 39.99 -3.79 -38.50
C GLY D 65 40.63 -3.38 -37.17
N TRP D 66 40.28 -2.24 -36.57
CA TRP D 66 40.90 -1.87 -35.26
C TRP D 66 40.35 -2.80 -34.16
N SER D 67 41.20 -3.28 -33.28
CA SER D 67 40.76 -3.85 -31.99
C SER D 67 40.15 -2.71 -31.14
N SER D 68 39.35 -3.07 -30.16
CA SER D 68 38.77 -2.17 -29.15
C SER D 68 39.90 -1.36 -28.51
N ASP D 69 40.93 -2.10 -28.08
CA ASP D 69 42.10 -1.54 -27.36
C ASP D 69 42.72 -0.45 -28.24
N LYS D 70 42.86 -0.71 -29.54
CA LYS D 70 43.50 0.29 -30.43
C LYS D 70 42.59 1.53 -30.52
N ALA D 71 41.28 1.35 -30.55
CA ALA D 71 40.40 2.51 -30.80
C ALA D 71 40.43 3.38 -29.55
N HIS D 72 40.30 2.71 -28.39
CA HIS D 72 40.47 3.35 -27.05
C HIS D 72 41.82 4.09 -26.98
N LYS D 73 42.85 3.46 -27.43
CA LYS D 73 44.18 4.07 -27.28
C LYS D 73 44.24 5.33 -28.14
N VAL D 74 43.66 5.27 -29.33
CA VAL D 74 43.70 6.43 -30.28
C VAL D 74 42.96 7.61 -29.63
N LEU D 75 41.81 7.35 -28.99
CA LEU D 75 41.03 8.44 -28.38
C LEU D 75 41.82 9.03 -27.21
N LYS D 76 42.43 8.18 -26.38
CA LYS D 76 43.15 8.70 -25.19
C LYS D 76 44.33 9.56 -25.65
N GLN D 77 45.02 9.13 -26.69
CA GLN D 77 46.26 9.83 -27.11
C GLN D 77 46.03 11.07 -28.00
N ALA D 78 44.76 11.39 -28.32
CA ALA D 78 44.40 12.61 -29.10
C ALA D 78 44.50 13.83 -28.17
N PHE D 79 45.34 14.78 -28.54
CA PHE D 79 45.71 15.95 -27.70
C PHE D 79 45.41 17.24 -28.46
N GLY D 80 44.93 17.16 -29.70
CA GLY D 80 44.37 18.33 -30.41
C GLY D 80 43.21 18.91 -29.62
N GLU D 81 42.77 20.12 -30.00
CA GLU D 81 41.64 20.84 -29.34
C GLU D 81 40.33 20.07 -29.54
N LYS D 82 40.03 19.68 -30.78
CA LYS D 82 38.76 19.01 -31.19
C LYS D 82 39.06 17.57 -31.60
N ILE D 83 38.17 16.63 -31.28
CA ILE D 83 38.24 15.23 -31.82
C ILE D 83 37.09 15.13 -32.82
N THR D 84 37.37 14.69 -34.02
CA THR D 84 36.36 14.48 -35.07
C THR D 84 36.08 12.99 -35.22
N MET D 85 34.81 12.61 -35.27
CA MET D 85 34.44 11.22 -35.54
C MET D 85 33.45 11.26 -36.69
N THR D 86 33.54 10.29 -37.58
CA THR D 86 32.57 10.01 -38.64
C THR D 86 31.79 8.77 -38.19
N ILE D 87 30.47 8.91 -38.14
CA ILE D 87 29.49 8.03 -37.45
C ILE D 87 28.45 7.58 -38.48
N ARG D 88 28.16 6.28 -38.53
CA ARG D 88 27.00 5.71 -39.19
C ARG D 88 26.01 5.39 -38.07
N ASP D 89 24.80 5.85 -38.22
CA ASP D 89 23.76 5.80 -37.18
C ASP D 89 23.26 4.37 -36.94
N ARG D 90 23.49 3.85 -35.72
CA ARG D 90 22.95 2.58 -35.13
C ARG D 90 22.63 1.52 -36.21
N PRO D 91 23.63 1.02 -36.96
CA PRO D 91 23.37 0.24 -38.16
C PRO D 91 22.83 -1.17 -37.86
N PHE D 92 22.97 -1.66 -36.63
CA PHE D 92 22.50 -3.03 -36.33
C PHE D 92 21.06 -2.95 -35.88
N GLU D 93 20.53 -1.72 -35.77
CA GLU D 93 19.21 -1.56 -35.11
C GLU D 93 18.16 -1.12 -36.11
N ARG D 94 16.89 -1.19 -35.72
CA ARG D 94 15.77 -0.66 -36.51
C ARG D 94 14.65 -0.29 -35.56
N THR D 95 13.73 0.56 -36.04
CA THR D 95 12.62 1.03 -35.20
C THR D 95 11.31 0.52 -35.74
N ILE D 96 10.43 0.16 -34.82
CA ILE D 96 9.05 -0.27 -35.09
C ILE D 96 8.14 0.70 -34.32
N THR D 97 7.16 1.26 -35.02
CA THR D 97 6.12 2.15 -34.46
C THR D 97 4.84 1.33 -34.23
N MET D 98 4.33 1.36 -33.02
CA MET D 98 3.10 0.70 -32.57
C MET D 98 2.18 1.72 -31.88
N HIS D 99 0.93 1.35 -31.70
CA HIS D 99 -0.17 2.17 -31.13
C HIS D 99 -0.74 1.37 -29.96
N LYS D 100 -0.67 1.96 -28.78
CA LYS D 100 -1.26 1.35 -27.56
C LYS D 100 -2.77 1.23 -27.73
N ASP D 101 -3.31 0.15 -27.22
CA ASP D 101 -4.78 0.05 -27.05
C ASP D 101 -5.25 0.95 -25.89
N SER D 102 -6.53 0.85 -25.58
CA SER D 102 -7.21 1.72 -24.60
C SER D 102 -6.61 1.50 -23.20
N THR D 103 -5.95 0.37 -22.96
CA THR D 103 -5.32 0.08 -21.65
C THR D 103 -3.80 0.09 -21.77
N GLY D 104 -3.26 0.76 -22.80
CA GLY D 104 -1.83 1.11 -22.89
C GLY D 104 -0.94 -0.05 -23.27
N HIS D 105 -1.48 -1.12 -23.88
CA HIS D 105 -0.72 -2.32 -24.31
C HIS D 105 -0.46 -2.24 -25.81
N VAL D 106 0.71 -2.68 -26.25
CA VAL D 106 1.01 -2.79 -27.71
C VAL D 106 1.07 -4.24 -28.17
N GLY D 107 1.10 -5.24 -27.28
CA GLY D 107 1.05 -6.69 -27.54
C GLY D 107 2.39 -7.43 -27.63
N PHE D 108 3.21 -7.41 -26.58
CA PHE D 108 4.41 -8.25 -26.54
C PHE D 108 4.86 -8.50 -25.10
N ILE D 109 5.57 -9.61 -24.93
CA ILE D 109 6.16 -10.01 -23.62
C ILE D 109 7.67 -9.96 -23.77
N PHE D 110 8.36 -9.49 -22.76
CA PHE D 110 9.82 -9.48 -22.84
C PHE D 110 10.41 -9.92 -21.53
N LYS D 111 11.68 -10.24 -21.53
CA LYS D 111 12.40 -10.67 -20.31
C LYS D 111 13.86 -10.29 -20.48
N ASN D 112 14.45 -9.69 -19.46
CA ASN D 112 15.82 -9.12 -19.54
C ASN D 112 15.90 -8.23 -20.78
N GLY D 113 14.86 -7.48 -21.14
CA GLY D 113 14.96 -6.56 -22.31
C GLY D 113 14.81 -7.29 -23.66
N LYS D 114 14.62 -8.61 -23.65
CA LYS D 114 14.53 -9.43 -24.88
C LYS D 114 13.10 -9.87 -25.14
N ILE D 115 12.57 -9.53 -26.33
CA ILE D 115 11.17 -9.81 -26.73
C ILE D 115 11.05 -11.33 -26.89
N THR D 116 10.08 -11.95 -26.23
CA THR D 116 10.00 -13.40 -26.19
C THR D 116 8.68 -13.87 -26.77
N SER D 117 7.63 -13.06 -26.89
CA SER D 117 6.41 -13.46 -27.61
C SER D 117 5.63 -12.22 -28.03
N ILE D 118 4.85 -12.36 -29.09
CA ILE D 118 4.01 -11.30 -29.71
C ILE D 118 2.55 -11.72 -29.52
N VAL D 119 1.70 -10.84 -29.07
CA VAL D 119 0.27 -11.14 -28.80
C VAL D 119 -0.49 -11.14 -30.15
N LYS D 120 -1.27 -12.20 -30.38
CA LYS D 120 -2.22 -12.34 -31.51
C LYS D 120 -3.00 -11.02 -31.73
N ASP D 121 -2.97 -10.52 -32.98
CA ASP D 121 -3.85 -9.41 -33.44
C ASP D 121 -3.62 -8.13 -32.63
N SER D 122 -2.42 -7.97 -32.09
CA SER D 122 -1.98 -6.73 -31.43
C SER D 122 -1.32 -5.75 -32.44
N SER D 123 -1.09 -4.55 -31.95
CA SER D 123 -0.32 -3.55 -32.70
C SER D 123 1.11 -4.11 -32.96
N ALA D 124 1.72 -4.83 -32.01
CA ALA D 124 3.04 -5.47 -32.25
C ALA D 124 2.93 -6.44 -33.44
N ALA D 125 1.86 -7.24 -33.46
CA ALA D 125 1.66 -8.22 -34.57
C ALA D 125 1.50 -7.49 -35.92
N ARG D 126 0.64 -6.49 -35.99
CA ARG D 126 0.37 -5.75 -37.23
C ARG D 126 1.66 -5.12 -37.74
N ASN D 127 2.58 -4.71 -36.85
CA ASN D 127 3.74 -3.91 -37.27
C ASN D 127 4.93 -4.85 -37.43
N GLY D 128 4.72 -6.15 -37.21
CA GLY D 128 5.76 -7.21 -37.37
C GLY D 128 6.97 -7.11 -36.45
N LEU D 129 6.72 -6.82 -35.18
CA LEU D 129 7.74 -6.95 -34.10
C LEU D 129 8.18 -8.41 -34.06
N LEU D 130 9.47 -8.63 -33.85
CA LEU D 130 10.10 -9.96 -33.81
C LEU D 130 10.50 -10.38 -32.39
N THR D 131 10.63 -11.69 -32.14
CA THR D 131 11.22 -12.23 -30.91
C THR D 131 12.72 -12.31 -31.10
N GLU D 132 13.41 -12.65 -30.03
CA GLU D 132 14.88 -12.85 -30.01
C GLU D 132 15.52 -11.51 -30.43
N HIS D 133 14.86 -10.41 -30.08
CA HIS D 133 15.39 -9.03 -30.34
C HIS D 133 15.45 -8.29 -29.00
N ASN D 134 16.55 -7.61 -28.74
CA ASN D 134 16.71 -6.81 -27.51
C ASN D 134 16.16 -5.43 -27.75
N ILE D 135 15.44 -4.90 -26.75
CA ILE D 135 14.96 -3.49 -26.74
C ILE D 135 16.15 -2.58 -26.41
N CYS D 136 16.49 -1.65 -27.30
CA CYS D 136 17.65 -0.75 -27.16
C CYS D 136 17.14 0.63 -26.75
N GLU D 137 15.99 1.05 -27.28
CA GLU D 137 15.44 2.41 -27.06
C GLU D 137 13.93 2.32 -27.07
N ILE D 138 13.30 3.26 -26.37
CA ILE D 138 11.84 3.58 -26.44
C ILE D 138 11.70 5.06 -26.70
N ASN D 139 11.05 5.40 -27.83
CA ASN D 139 10.89 6.80 -28.28
C ASN D 139 12.26 7.46 -28.27
N GLY D 140 13.29 6.69 -28.59
CA GLY D 140 14.62 7.28 -28.80
C GLY D 140 15.40 7.37 -27.50
N GLN D 141 14.80 6.92 -26.38
CA GLN D 141 15.50 6.88 -25.10
C GLN D 141 16.16 5.52 -24.85
N ASN D 142 17.46 5.54 -24.62
CA ASN D 142 18.32 4.37 -24.29
C ASN D 142 17.73 3.71 -23.06
N VAL D 143 17.47 2.39 -23.07
CA VAL D 143 16.96 1.64 -21.88
C VAL D 143 17.92 0.50 -21.57
N ILE D 144 19.13 0.56 -22.08
CA ILE D 144 20.07 -0.58 -21.90
C ILE D 144 20.61 -0.61 -20.48
N GLY D 145 20.53 -1.78 -19.84
CA GLY D 145 20.97 -1.95 -18.45
C GLY D 145 19.87 -1.67 -17.45
N LEU D 146 18.70 -1.22 -17.87
CA LEU D 146 17.59 -0.95 -16.93
C LEU D 146 16.94 -2.28 -16.59
N LYS D 147 16.30 -2.35 -15.46
CA LYS D 147 15.45 -3.51 -15.10
C LYS D 147 14.23 -3.54 -16.01
N ASP D 148 13.65 -4.73 -16.09
CA ASP D 148 12.40 -4.95 -16.86
C ASP D 148 11.34 -3.97 -16.36
N SER D 149 11.19 -3.83 -15.04
CA SER D 149 10.07 -3.06 -14.46
C SER D 149 10.24 -1.61 -14.92
N GLN D 150 11.47 -1.14 -15.04
CA GLN D 150 11.77 0.23 -15.51
C GLN D 150 11.46 0.35 -17.00
N ILE D 151 11.83 -0.66 -17.81
CA ILE D 151 11.48 -0.67 -19.25
C ILE D 151 9.95 -0.60 -19.36
N ALA D 152 9.22 -1.41 -18.59
CA ALA D 152 7.73 -1.38 -18.57
C ALA D 152 7.20 0.04 -18.21
N ASP D 153 7.82 0.68 -17.20
N ASP D 153 7.79 0.68 -17.18
CA ASP D 153 7.42 2.04 -16.76
CA ASP D 153 7.39 2.05 -16.76
C ASP D 153 7.56 3.01 -17.95
C ASP D 153 7.55 3.00 -17.97
N ILE D 154 8.68 2.93 -18.68
CA ILE D 154 8.90 3.82 -19.86
C ILE D 154 7.86 3.56 -20.98
N LEU D 155 7.56 2.30 -21.30
CA LEU D 155 6.47 1.95 -22.23
C LEU D 155 5.20 2.67 -21.77
N SER D 156 4.90 2.63 -20.48
CA SER D 156 3.60 3.11 -20.00
C SER D 156 3.55 4.65 -20.00
N THR D 157 4.67 5.34 -19.85
CA THR D 157 4.71 6.82 -19.84
C THR D 157 4.85 7.35 -21.27
N SER D 158 4.97 6.49 -22.29
CA SER D 158 4.84 6.93 -23.71
C SER D 158 3.45 7.50 -24.00
N GLY D 159 3.32 8.42 -24.96
CA GLY D 159 2.05 8.63 -25.63
C GLY D 159 1.57 7.36 -26.34
N THR D 160 0.43 7.44 -26.97
CA THR D 160 -0.20 6.30 -27.66
C THR D 160 0.74 5.77 -28.73
N VAL D 161 1.37 6.65 -29.51
CA VAL D 161 2.35 6.24 -30.56
C VAL D 161 3.66 5.91 -29.82
N VAL D 162 4.03 4.63 -29.83
CA VAL D 162 5.22 4.04 -29.17
C VAL D 162 6.18 3.56 -30.26
N THR D 163 7.41 4.07 -30.23
CA THR D 163 8.48 3.63 -31.15
C THR D 163 9.54 2.86 -30.33
N ILE D 164 9.90 1.66 -30.78
CA ILE D 164 10.92 0.79 -30.11
C ILE D 164 12.05 0.56 -31.11
N THR D 165 13.29 0.80 -30.65
CA THR D 165 14.47 0.48 -31.40
C THR D 165 14.92 -0.91 -30.91
N ILE D 166 15.06 -1.84 -31.83
CA ILE D 166 15.39 -3.26 -31.55
C ILE D 166 16.67 -3.65 -32.30
N MET D 167 17.33 -4.67 -31.75
CA MET D 167 18.59 -5.28 -32.25
C MET D 167 18.45 -6.79 -32.08
N PRO D 168 18.79 -7.58 -33.11
CA PRO D 168 18.82 -9.03 -32.97
C PRO D 168 19.66 -9.42 -31.76
N ALA D 169 19.14 -10.33 -30.93
CA ALA D 169 19.70 -10.71 -29.60
C ALA D 169 21.19 -11.10 -29.70
N PHE D 170 21.56 -11.90 -30.70
N PHE D 170 21.54 -11.85 -30.75
CA PHE D 170 22.96 -12.40 -30.86
CA PHE D 170 22.90 -12.42 -30.94
C PHE D 170 23.89 -11.19 -31.00
C PHE D 170 23.91 -11.28 -31.18
N ILE D 171 23.48 -10.15 -31.74
CA ILE D 171 24.39 -9.00 -32.01
C ILE D 171 24.49 -8.18 -30.74
N PHE D 172 23.36 -8.04 -30.06
CA PHE D 172 23.29 -7.30 -28.78
C PHE D 172 24.26 -7.96 -27.77
N GLU D 173 24.12 -9.26 -27.58
CA GLU D 173 24.98 -10.03 -26.65
C GLU D 173 26.44 -9.78 -27.02
N HIS D 174 26.74 -9.68 -28.29
CA HIS D 174 28.13 -9.55 -28.74
C HIS D 174 28.59 -8.13 -28.35
N ILE D 175 27.78 -7.10 -28.60
CA ILE D 175 28.18 -5.69 -28.28
C ILE D 175 28.36 -5.56 -26.78
N ILE D 176 27.57 -6.23 -25.93
CA ILE D 176 27.68 -5.86 -24.50
C ILE D 176 28.75 -6.76 -23.84
N LYS D 177 29.33 -7.74 -24.52
CA LYS D 177 30.38 -8.62 -23.95
C LYS D 177 31.54 -7.74 -23.46
N ARG D 178 32.19 -8.17 -22.36
CA ARG D 178 33.43 -7.52 -21.85
C ARG D 178 33.07 -6.12 -21.37
N MET D 179 31.91 -5.99 -20.71
CA MET D 179 31.45 -4.73 -20.06
C MET D 179 30.76 -5.16 -18.77
N ALA D 180 31.35 -4.80 -17.61
CA ALA D 180 30.80 -5.13 -16.28
C ALA D 180 29.36 -4.65 -16.16
N PRO D 181 28.41 -5.56 -15.85
CA PRO D 181 27.02 -5.15 -15.58
C PRO D 181 26.94 -3.90 -14.68
N SER D 182 27.89 -3.73 -13.77
CA SER D 182 27.88 -2.61 -12.83
C SER D 182 28.20 -1.30 -13.57
N ILE D 183 29.05 -1.36 -14.59
CA ILE D 183 29.33 -0.16 -15.40
C ILE D 183 28.08 0.13 -16.25
N MET D 184 27.48 -0.88 -16.88
CA MET D 184 26.36 -0.66 -17.84
C MET D 184 25.13 -0.15 -17.08
N LYS D 185 24.99 -0.53 -15.79
CA LYS D 185 23.92 -0.05 -14.88
C LYS D 185 24.23 1.35 -14.33
N SER D 186 25.47 1.65 -13.96
CA SER D 186 25.75 2.97 -13.35
C SER D 186 26.00 4.07 -14.39
N LEU D 187 26.58 3.79 -15.57
CA LEU D 187 27.16 4.89 -16.44
C LEU D 187 26.30 5.22 -17.68
N MET D 188 25.49 4.27 -18.14
CA MET D 188 24.84 4.35 -19.47
C MET D 188 23.94 5.58 -19.50
N ASP D 189 24.00 6.36 -20.57
CA ASP D 189 23.10 7.52 -20.80
C ASP D 189 21.64 7.08 -20.95
N HIS D 190 20.70 7.68 -20.24
CA HIS D 190 19.25 7.38 -20.39
C HIS D 190 18.49 8.68 -20.55
N THR D 191 19.15 9.80 -20.89
CA THR D 191 18.44 11.12 -20.87
C THR D 191 17.47 11.24 -22.03
N ILE D 192 16.54 12.16 -21.86
CA ILE D 192 15.54 12.52 -22.88
C ILE D 192 15.60 14.03 -22.95
N PRO D 193 15.20 14.61 -24.09
CA PRO D 193 15.26 16.07 -24.26
C PRO D 193 14.41 16.82 -23.21
N GLU D 194 13.19 16.32 -22.93
CA GLU D 194 12.25 16.97 -21.99
C GLU D 194 11.24 15.95 -21.47
N VAL D 195 10.50 16.33 -20.44
CA VAL D 195 9.25 15.59 -20.08
C VAL D 195 8.06 16.43 -20.54
#